data_8GVI
#
_entry.id   8GVI
#
_cell.length_a   70.524
_cell.length_b   70.524
_cell.length_c   384.253
_cell.angle_alpha   90.000
_cell.angle_beta   90.000
_cell.angle_gamma   120.000
#
_symmetry.space_group_name_H-M   'P 32 2 1'
#
loop_
_entity.id
_entity.type
_entity.pdbx_description
1 polymer 'H25-11 TCR alpha chain'
2 polymer 'H25-11 TCR beta chain'
3 polymer 'MHC class I antigen'
4 polymer Beta-2-microglobulin
5 polymer '8-mer peptide from Protein Nef'
#
loop_
_entity_poly.entity_id
_entity_poly.type
_entity_poly.pdbx_seq_one_letter_code
_entity_poly.pdbx_strand_id
1 'polypeptide(L)'
;MAQSVTQPDIHITVSEGASLELRCNYSYGATPYLFWYVQSPGQGLQLLLKYFSGDTLVQGIKGFEAEFKRSQSSFNLRKP
SVHWSDAAEYFCAVVFTGGGNKLTFGTGTQLKVELNIQNPDPAVYQLRDSKSSDKSVCLFTDFDSQTNVSQSKDSDVYIT
DKCVLDMRSMDFKSNSAVAWSNKSDFACANAFNNSIIPEDTFFPSPESS
;
A
2 'polypeptide(L)'
;MDTGVSQDPRHKITKRGQNVTFRCDPISEHNRLYWYRQTLGQGPEFLTYFQNEAQLEKSRLLSDRFSAERPKGSFSTLEI
QRTEQGDSAMYLCASSLRDRVPETQYFGPGTRLLVLEDLKNVFPPEVAVFEPSEAEISHTQKATLVCLATGFYPDHVELS
WWVNGKEVHSGVCTDPQPLKEQPALNDSRYALSSRLRVSATFWQNPRNHFRCQVQFYGLSENDEWTQDRAKPVTQIVSAE
AWGRAD
;
B
3 'polypeptide(L)'
;MGSHSMRYFSTSVSRPGRGEPRFIAVGYVDDTQFVRFDSDAASQRMEPRAPWIEQEGPEYWDEETGKVKAHSQTDRENLR
IALRYYNQSEAGSHTLQMMFGCDVGSDGRFLRGYHQYAYDGKDYIALKEDLRSWTAADMAAQITKRKWEAAHVAEQQRAY
LEGTCVDGLRRYLENGKETLQRTDPPKTHMTHHPISDHEATLRCWALGFYPAEITLTWQRDGEDQTQDTELVETRPAGDG
TFQKWAAVVVPSGEEQRYTCHVQHEGLPKPLTLRW
;
H
4 'polypeptide(L)'
;MIQRTPKIQVYSRHPAENGKSNFLNCYVSGFHPSDIEVDLLKNGERIEKVEHSDLSFSKDWSFYLLYYTEFTPTEKDEYA
CRVNHVTLSQPKIVKWDRDM
;
L
5 'polypeptide(L)' RYPLTFGW P
#
# COMPACT_ATOMS: atom_id res chain seq x y z
N GLN A 3 -7.40 -3.04 10.84
CA GLN A 3 -6.89 -4.29 11.38
C GLN A 3 -5.36 -4.28 11.41
N SER A 4 -4.79 -5.19 12.21
CA SER A 4 -3.36 -5.17 12.46
C SER A 4 -2.78 -6.58 12.37
N VAL A 5 -1.46 -6.64 12.28
CA VAL A 5 -0.71 -7.90 12.32
C VAL A 5 0.02 -7.97 13.64
N THR A 6 0.26 -9.20 14.11
CA THR A 6 0.81 -9.44 15.44
C THR A 6 2.02 -10.37 15.35
N GLN A 7 3.12 -9.96 15.98
CA GLN A 7 4.31 -10.79 16.11
C GLN A 7 4.49 -11.16 17.58
N PRO A 8 4.11 -12.37 17.99
CA PRO A 8 4.20 -12.70 19.42
C PRO A 8 5.64 -12.87 19.91
N ASP A 9 6.51 -13.48 19.12
CA ASP A 9 7.90 -13.66 19.52
C ASP A 9 8.62 -12.33 19.48
N ILE A 10 8.85 -11.74 20.65
CA ILE A 10 9.39 -10.39 20.74
C ILE A 10 10.91 -10.41 20.75
N HIS A 11 11.51 -11.43 21.35
CA HIS A 11 12.96 -11.53 21.47
C HIS A 11 13.32 -12.99 21.73
N ILE A 12 14.20 -13.54 20.90
CA ILE A 12 14.64 -14.93 21.04
C ILE A 12 16.17 -14.96 21.00
N THR A 13 16.74 -15.86 21.80
CA THR A 13 18.18 -16.10 21.81
C THR A 13 18.40 -17.60 21.91
N VAL A 14 18.95 -18.20 20.85
CA VAL A 14 19.15 -19.63 20.80
C VAL A 14 20.61 -19.94 20.51
N SER A 15 20.96 -21.22 20.52
CA SER A 15 22.31 -21.66 20.19
C SER A 15 22.40 -22.00 18.70
N GLU A 16 23.63 -21.98 18.18
CA GLU A 16 23.85 -22.23 16.76
C GLU A 16 23.45 -23.65 16.40
N GLY A 17 22.47 -23.78 15.51
CA GLY A 17 22.00 -25.06 15.06
C GLY A 17 20.73 -25.56 15.72
N ALA A 18 19.81 -24.67 16.09
CA ALA A 18 18.58 -25.05 16.76
C ALA A 18 17.38 -24.80 15.86
N SER A 19 16.31 -25.55 16.13
CA SER A 19 15.07 -25.37 15.38
C SER A 19 14.47 -24.00 15.70
N LEU A 20 14.22 -23.20 14.68
CA LEU A 20 13.76 -21.83 14.85
C LEU A 20 12.37 -21.67 14.25
N GLU A 21 11.53 -20.92 14.96
CA GLU A 21 10.18 -20.62 14.46
C GLU A 21 9.77 -19.25 14.98
N LEU A 22 9.48 -18.33 14.05
CA LEU A 22 8.98 -17.00 14.37
C LEU A 22 7.57 -16.87 13.82
N ARG A 23 6.65 -16.42 14.66
CA ARG A 23 5.24 -16.39 14.31
C ARG A 23 4.80 -14.99 13.88
N CYS A 24 3.81 -14.97 12.97
CA CYS A 24 3.26 -13.71 12.47
C CYS A 24 1.83 -14.00 12.02
N ASN A 25 0.85 -13.60 12.82
CA ASN A 25 -0.55 -13.88 12.57
C ASN A 25 -1.30 -12.63 12.16
N TYR A 26 -2.15 -12.76 11.15
CA TYR A 26 -2.95 -11.65 10.67
C TYR A 26 -4.36 -11.72 11.26
N SER A 27 -5.19 -10.75 10.89
CA SER A 27 -6.42 -10.44 11.62
C SER A 27 -7.63 -11.20 11.06
N TYR A 28 -7.51 -12.52 11.03
CA TYR A 28 -8.61 -13.47 11.11
C TYR A 28 -9.57 -13.46 9.91
N GLY A 29 -9.56 -12.39 9.13
CA GLY A 29 -10.61 -12.24 8.14
C GLY A 29 -10.15 -11.95 6.73
N ALA A 30 -8.99 -11.33 6.62
CA ALA A 30 -8.50 -10.86 5.32
C ALA A 30 -7.74 -11.97 4.62
N THR A 31 -7.62 -11.83 3.30
CA THR A 31 -6.79 -12.71 2.51
C THR A 31 -5.62 -11.89 1.95
N PRO A 32 -4.64 -11.55 2.77
CA PRO A 32 -3.62 -10.59 2.38
C PRO A 32 -2.42 -11.27 1.72
N TYR A 33 -1.60 -10.45 1.06
CA TYR A 33 -0.27 -10.89 0.69
C TYR A 33 0.60 -10.96 1.94
N LEU A 34 1.52 -11.91 1.96
CA LEU A 34 2.36 -12.16 3.13
C LEU A 34 3.82 -12.07 2.75
N PHE A 35 4.63 -11.50 3.64
CA PHE A 35 6.05 -11.34 3.44
C PHE A 35 6.79 -11.60 4.75
N TRP A 36 8.11 -11.68 4.64
CA TRP A 36 8.99 -11.75 5.80
C TRP A 36 10.29 -11.05 5.44
N TYR A 37 10.64 -10.01 6.19
CA TYR A 37 11.85 -9.24 5.94
C TYR A 37 12.83 -9.41 7.09
N VAL A 38 14.09 -9.07 6.82
CA VAL A 38 15.14 -9.07 7.82
C VAL A 38 15.92 -7.76 7.69
N GLN A 39 16.26 -7.17 8.83
CA GLN A 39 16.99 -5.90 8.87
C GLN A 39 18.20 -6.05 9.79
N SER A 40 19.38 -6.18 9.18
CA SER A 40 20.61 -6.06 9.96
C SER A 40 20.68 -4.65 10.54
N PRO A 41 21.30 -4.48 11.71
CA PRO A 41 21.22 -3.19 12.41
C PRO A 41 21.72 -2.00 11.61
N GLY A 42 22.57 -2.22 10.62
CA GLY A 42 23.11 -1.13 9.83
C GLY A 42 22.36 -0.80 8.56
N GLN A 43 22.05 -1.82 7.76
CA GLN A 43 21.48 -1.63 6.43
C GLN A 43 19.95 -1.72 6.50
N GLY A 44 19.32 -1.71 5.32
CA GLY A 44 17.88 -1.76 5.22
C GLY A 44 17.32 -3.16 5.21
N LEU A 45 16.03 -3.26 4.89
CA LEU A 45 15.34 -4.53 4.92
C LEU A 45 15.79 -5.41 3.75
N GLN A 46 15.39 -6.68 3.81
CA GLN A 46 15.79 -7.66 2.81
C GLN A 46 14.72 -8.74 2.75
N LEU A 47 14.07 -8.88 1.60
CA LEU A 47 12.96 -9.80 1.45
C LEU A 47 13.44 -11.25 1.57
N LEU A 48 12.63 -12.07 2.24
CA LEU A 48 12.91 -13.49 2.42
C LEU A 48 11.91 -14.39 1.72
N LEU A 49 10.61 -14.21 1.98
CA LEU A 49 9.58 -15.10 1.49
C LEU A 49 8.37 -14.27 1.04
N LYS A 50 7.39 -14.97 0.47
CA LYS A 50 6.12 -14.39 0.05
C LYS A 50 5.17 -15.53 -0.28
N TYR A 51 3.88 -15.27 -0.11
CA TYR A 51 2.87 -16.29 -0.43
C TYR A 51 1.54 -15.62 -0.79
N PHE A 52 1.14 -15.77 -2.05
CA PHE A 52 -0.28 -15.66 -2.42
C PHE A 52 -0.69 -16.68 -3.47
N SER A 53 0.25 -17.49 -3.98
CA SER A 53 -0.04 -18.32 -5.14
C SER A 53 -0.93 -19.51 -4.79
N GLY A 54 -0.67 -20.17 -3.66
CA GLY A 54 -1.49 -21.30 -3.27
C GLY A 54 -0.75 -22.59 -2.99
N ASP A 55 0.52 -22.51 -2.62
CA ASP A 55 1.27 -23.62 -2.06
C ASP A 55 1.65 -23.24 -0.65
N THR A 56 1.05 -23.91 0.34
CA THR A 56 1.10 -23.42 1.72
C THR A 56 2.53 -23.30 2.24
N LEU A 57 3.39 -24.24 1.88
CA LEU A 57 4.77 -24.22 2.35
C LEU A 57 5.63 -23.52 1.30
N VAL A 58 6.37 -22.50 1.73
CA VAL A 58 7.17 -21.67 0.84
C VAL A 58 8.62 -21.71 1.31
N GLN A 59 9.53 -21.96 0.37
CA GLN A 59 10.97 -21.93 0.63
C GLN A 59 11.57 -20.65 0.04
N GLY A 60 12.68 -20.23 0.61
CA GLY A 60 13.31 -19.00 0.17
C GLY A 60 14.77 -18.91 0.54
N ILE A 61 15.26 -17.68 0.61
CA ILE A 61 16.69 -17.44 0.80
C ILE A 61 17.09 -17.74 2.24
N LYS A 62 18.40 -17.94 2.43
CA LYS A 62 19.00 -18.22 3.74
C LYS A 62 18.40 -19.47 4.38
N GLY A 63 17.89 -20.39 3.55
CA GLY A 63 17.35 -21.64 4.04
C GLY A 63 16.03 -21.55 4.76
N PHE A 64 15.45 -20.36 4.88
CA PHE A 64 14.21 -20.20 5.61
C PHE A 64 13.03 -20.79 4.85
N GLU A 65 12.06 -21.28 5.61
CA GLU A 65 10.79 -21.77 5.08
C GLU A 65 9.65 -21.01 5.75
N ALA A 66 8.42 -21.32 5.32
CA ALA A 66 7.22 -20.76 5.93
C ALA A 66 6.02 -21.56 5.45
N GLU A 67 5.06 -21.75 6.35
CA GLU A 67 3.81 -22.42 6.04
C GLU A 67 2.64 -21.48 6.26
N PHE A 68 1.69 -21.48 5.33
CA PHE A 68 0.48 -20.69 5.43
C PHE A 68 -0.66 -21.57 5.90
N LYS A 69 -1.33 -21.17 6.98
CA LYS A 69 -2.45 -21.90 7.57
C LYS A 69 -3.60 -20.92 7.73
N ARG A 70 -4.50 -20.90 6.74
CA ARG A 70 -5.63 -19.99 6.80
C ARG A 70 -6.55 -20.32 7.97
N SER A 71 -6.61 -21.60 8.37
CA SER A 71 -7.40 -21.98 9.54
C SER A 71 -6.87 -21.30 10.80
N GLN A 72 -5.55 -21.20 10.92
CA GLN A 72 -4.93 -20.53 12.05
C GLN A 72 -4.60 -19.07 11.74
N SER A 73 -4.58 -18.69 10.46
CA SER A 73 -4.20 -17.34 10.02
C SER A 73 -2.80 -16.98 10.52
N SER A 74 -1.83 -17.83 10.15
CA SER A 74 -0.46 -17.66 10.57
C SER A 74 0.48 -17.87 9.39
N PHE A 75 1.62 -17.19 9.43
CA PHE A 75 2.67 -17.31 8.42
C PHE A 75 3.99 -17.27 9.18
N ASN A 76 4.50 -18.45 9.52
CA ASN A 76 5.57 -18.59 10.49
C ASN A 76 6.90 -18.87 9.80
N LEU A 77 7.94 -18.13 10.20
CA LEU A 77 9.29 -18.40 9.71
C LEU A 77 9.83 -19.67 10.33
N ARG A 78 10.72 -20.34 9.60
CA ARG A 78 11.35 -21.57 10.08
C ARG A 78 12.75 -21.70 9.52
N LYS A 79 13.62 -22.33 10.30
CA LYS A 79 14.95 -22.71 9.86
C LYS A 79 15.44 -23.88 10.71
N PRO A 80 15.61 -25.07 10.12
CA PRO A 80 15.97 -26.25 10.93
C PRO A 80 17.33 -26.15 11.61
N SER A 81 18.22 -25.28 11.14
CA SER A 81 19.55 -25.13 11.75
C SER A 81 19.96 -23.68 11.59
N VAL A 82 19.88 -22.91 12.68
CA VAL A 82 20.16 -21.49 12.64
C VAL A 82 21.67 -21.27 12.61
N HIS A 83 22.10 -20.28 11.83
CA HIS A 83 23.49 -19.88 11.73
C HIS A 83 23.79 -18.72 12.68
N TRP A 84 25.07 -18.47 12.90
CA TRP A 84 25.45 -17.32 13.72
C TRP A 84 25.24 -16.02 12.97
N SER A 85 25.28 -16.05 11.65
CA SER A 85 25.08 -14.86 10.83
C SER A 85 23.63 -14.42 10.76
N ASP A 86 22.69 -15.22 11.26
CA ASP A 86 21.27 -14.91 11.21
C ASP A 86 20.85 -13.94 12.31
N ALA A 87 21.79 -13.35 13.04
CA ALA A 87 21.47 -12.44 14.14
C ALA A 87 21.09 -11.09 13.57
N ALA A 88 19.79 -10.79 13.56
CA ALA A 88 19.26 -9.53 13.07
C ALA A 88 17.80 -9.43 13.48
N GLU A 89 17.20 -8.28 13.22
CA GLU A 89 15.77 -8.09 13.46
C GLU A 89 14.97 -8.68 12.31
N TYR A 90 13.84 -9.29 12.63
CA TYR A 90 13.02 -10.00 11.66
C TYR A 90 11.60 -9.42 11.69
N PHE A 91 11.26 -8.67 10.66
CA PHE A 91 9.92 -8.11 10.50
C PHE A 91 9.11 -8.94 9.51
N CYS A 92 7.82 -9.08 9.76
CA CYS A 92 6.90 -9.69 8.82
C CYS A 92 5.98 -8.60 8.28
N ALA A 93 5.70 -8.66 6.98
CA ALA A 93 4.94 -7.62 6.30
C ALA A 93 3.75 -8.23 5.59
N VAL A 94 2.57 -7.62 5.77
CA VAL A 94 1.37 -8.04 5.08
C VAL A 94 0.84 -6.84 4.29
N VAL A 95 0.14 -7.14 3.19
CA VAL A 95 -0.56 -6.14 2.41
C VAL A 95 -2.04 -6.34 2.68
N PHE A 96 -2.64 -5.38 3.39
CA PHE A 96 -4.07 -5.47 3.68
C PHE A 96 -4.80 -5.07 2.41
N THR A 97 -5.34 -6.09 1.72
CA THR A 97 -5.64 -5.97 0.29
C THR A 97 -6.66 -4.88 0.02
N GLY A 98 -7.84 -4.99 0.64
CA GLY A 98 -8.89 -4.02 0.38
C GLY A 98 -8.58 -2.63 0.89
N GLY A 99 -7.72 -2.53 1.89
CA GLY A 99 -7.34 -1.25 2.44
C GLY A 99 -6.34 -0.47 1.61
N GLY A 100 -5.85 -1.05 0.52
CA GLY A 100 -4.87 -0.38 -0.31
C GLY A 100 -3.72 -1.29 -0.68
N ASN A 101 -2.53 -0.71 -0.84
CA ASN A 101 -1.35 -1.47 -1.24
C ASN A 101 -0.15 -1.15 -0.36
N LYS A 102 -0.33 -0.33 0.68
CA LYS A 102 0.75 0.00 1.59
C LYS A 102 1.10 -1.20 2.47
N LEU A 103 2.40 -1.37 2.73
CA LEU A 103 2.86 -2.46 3.58
C LEU A 103 2.56 -2.16 5.03
N THR A 104 2.06 -3.18 5.75
CA THR A 104 1.75 -3.07 7.18
C THR A 104 2.70 -4.00 7.92
N PHE A 105 3.59 -3.42 8.72
CA PHE A 105 4.67 -4.17 9.35
C PHE A 105 4.26 -4.70 10.72
N GLY A 106 5.08 -5.62 11.24
CA GLY A 106 4.85 -6.18 12.55
C GLY A 106 5.56 -5.41 13.65
N THR A 107 5.44 -5.94 14.87
CA THR A 107 6.04 -5.30 16.03
C THR A 107 7.56 -5.34 15.97
N GLY A 108 8.12 -6.44 15.45
CA GLY A 108 9.55 -6.55 15.28
C GLY A 108 10.21 -7.57 16.19
N THR A 109 10.65 -8.69 15.61
CA THR A 109 11.35 -9.72 16.35
C THR A 109 12.85 -9.50 16.24
N GLN A 110 13.52 -9.39 17.39
CA GLN A 110 14.96 -9.20 17.44
C GLN A 110 15.60 -10.51 17.91
N LEU A 111 16.48 -11.07 17.08
CA LEU A 111 17.04 -12.39 17.31
C LEU A 111 18.53 -12.29 17.54
N LYS A 112 19.01 -12.96 18.59
CA LYS A 112 20.42 -13.17 18.81
C LYS A 112 20.71 -14.67 18.78
N VAL A 113 21.95 -15.02 18.42
CA VAL A 113 22.37 -16.41 18.37
C VAL A 113 23.57 -16.58 19.29
N GLU A 114 23.68 -17.77 19.87
CA GLU A 114 24.75 -18.09 20.80
C GLU A 114 25.61 -19.20 20.20
N LEU A 115 26.92 -19.11 20.41
CA LEU A 115 27.85 -20.04 19.79
C LEU A 115 27.96 -21.31 20.63
N ASN A 116 27.54 -22.44 20.05
CA ASN A 116 27.64 -23.74 20.69
C ASN A 116 29.08 -24.21 20.62
N ILE A 117 29.92 -23.58 21.43
CA ILE A 117 31.34 -23.91 21.46
C ILE A 117 31.52 -25.32 22.00
N GLN A 118 32.58 -25.99 21.54
CA GLN A 118 32.86 -27.37 21.91
C GLN A 118 34.11 -27.53 22.76
N ASN A 119 35.20 -26.82 22.42
CA ASN A 119 36.45 -26.88 23.16
C ASN A 119 36.69 -25.53 23.81
N PRO A 120 36.20 -25.30 25.03
CA PRO A 120 36.46 -24.01 25.70
C PRO A 120 37.95 -23.85 26.01
N ASP A 121 38.43 -22.61 25.86
CA ASP A 121 39.84 -22.29 26.08
C ASP A 121 39.95 -20.85 26.56
N PRO A 122 39.44 -20.55 27.76
CA PRO A 122 39.42 -19.16 28.23
C PRO A 122 40.83 -18.66 28.51
N ALA A 123 41.08 -17.41 28.13
CA ALA A 123 42.39 -16.79 28.33
C ALA A 123 42.24 -15.28 28.20
N VAL A 124 43.22 -14.57 28.75
CA VAL A 124 43.31 -13.12 28.68
C VAL A 124 44.71 -12.73 28.26
N TYR A 125 44.82 -11.81 27.31
CA TYR A 125 46.12 -11.39 26.79
C TYR A 125 46.17 -9.86 26.69
N GLN A 126 47.36 -9.33 26.94
CA GLN A 126 47.67 -7.94 26.59
C GLN A 126 48.24 -7.91 25.18
N LEU A 127 47.88 -6.89 24.42
CA LEU A 127 48.30 -6.78 23.04
C LEU A 127 49.29 -5.64 22.86
N ARG A 128 50.24 -5.84 21.95
CA ARG A 128 51.26 -4.84 21.68
C ARG A 128 50.62 -3.56 21.14
N ASP A 129 51.00 -2.43 21.73
CA ASP A 129 50.40 -1.16 21.36
C ASP A 129 50.93 -0.69 20.01
N SER A 130 50.22 0.28 19.43
CA SER A 130 50.62 0.85 18.15
C SER A 130 51.68 1.94 18.36
N LYS A 131 52.20 2.45 17.24
CA LYS A 131 53.21 3.50 17.31
C LYS A 131 52.58 4.83 17.73
N SER A 132 51.44 5.18 17.13
CA SER A 132 50.77 6.44 17.41
C SER A 132 49.60 6.26 18.38
N SER A 133 49.69 5.30 19.29
CA SER A 133 48.67 5.06 20.29
C SER A 133 49.33 4.91 21.67
N ASP A 134 48.60 5.31 22.70
CA ASP A 134 49.12 5.26 24.07
C ASP A 134 48.42 4.24 24.95
N LYS A 135 47.26 3.74 24.54
CA LYS A 135 46.51 2.80 25.36
C LYS A 135 47.12 1.41 25.29
N SER A 136 46.58 0.49 26.09
CA SER A 136 46.99 -0.92 26.08
C SER A 136 45.73 -1.75 26.29
N VAL A 137 45.35 -2.50 25.25
CA VAL A 137 44.08 -3.22 25.27
C VAL A 137 44.28 -4.62 25.83
N CYS A 138 43.19 -5.18 26.34
CA CYS A 138 43.15 -6.54 26.87
C CYS A 138 42.08 -7.33 26.12
N LEU A 139 42.41 -8.57 25.76
CA LEU A 139 41.56 -9.38 24.90
C LEU A 139 41.13 -10.65 25.64
N PHE A 140 39.85 -10.71 26.00
CA PHE A 140 39.24 -11.95 26.48
C PHE A 140 38.59 -12.64 25.29
N THR A 141 38.96 -13.90 25.05
CA THR A 141 38.45 -14.62 23.90
C THR A 141 38.48 -16.12 24.18
N ASP A 142 37.82 -16.87 23.28
CA ASP A 142 37.82 -18.33 23.30
C ASP A 142 37.17 -18.89 24.56
N PHE A 143 36.15 -18.22 25.08
CA PHE A 143 35.45 -18.66 26.27
C PHE A 143 34.07 -19.22 25.90
N ASP A 144 33.46 -19.90 26.87
CA ASP A 144 32.16 -20.53 26.64
C ASP A 144 31.05 -19.48 26.59
N SER A 145 29.96 -19.84 25.92
CA SER A 145 28.89 -18.87 25.64
C SER A 145 28.22 -18.39 26.93
N GLN A 146 28.03 -19.28 27.90
CA GLN A 146 27.32 -18.90 29.12
C GLN A 146 28.11 -17.96 30.03
N THR A 147 29.29 -17.47 29.64
CA THR A 147 30.02 -16.52 30.44
C THR A 147 29.29 -15.17 30.46
N ASN A 148 29.40 -14.48 31.59
CA ASN A 148 28.77 -13.18 31.79
C ASN A 148 29.86 -12.11 31.86
N VAL A 149 29.82 -11.16 30.93
CA VAL A 149 30.82 -10.10 30.84
C VAL A 149 30.30 -8.90 31.62
N SER A 150 30.85 -8.68 32.82
CA SER A 150 30.52 -7.52 33.61
C SER A 150 31.44 -6.36 33.24
N GLN A 151 30.86 -5.19 33.04
CA GLN A 151 31.62 -4.04 32.56
C GLN A 151 32.45 -3.44 33.71
N SER A 152 33.36 -2.55 33.34
CA SER A 152 34.32 -1.99 34.28
C SER A 152 33.70 -0.92 35.15
N LYS A 153 34.51 -0.33 36.03
CA LYS A 153 34.03 0.67 36.97
C LYS A 153 34.87 1.94 36.92
N ASP A 154 36.16 1.80 36.61
CA ASP A 154 37.07 2.94 36.65
C ASP A 154 36.76 3.93 35.53
N SER A 155 37.40 5.10 35.61
CA SER A 155 37.10 6.19 34.68
C SER A 155 37.68 5.93 33.30
N ASP A 156 39.01 5.79 33.20
CA ASP A 156 39.68 5.64 31.93
C ASP A 156 39.56 4.24 31.34
N VAL A 157 38.81 3.34 31.98
CA VAL A 157 38.70 1.95 31.56
C VAL A 157 37.32 1.74 30.95
N TYR A 158 37.28 1.13 29.76
CA TYR A 158 36.05 0.84 29.06
C TYR A 158 35.99 -0.65 28.71
N ILE A 159 34.77 -1.16 28.59
CA ILE A 159 34.54 -2.58 28.33
C ILE A 159 33.41 -2.71 27.32
N THR A 160 33.59 -3.61 26.35
CA THR A 160 32.59 -3.90 25.33
C THR A 160 31.95 -5.26 25.62
N ASP A 161 31.05 -5.68 24.70
CA ASP A 161 30.41 -6.98 24.77
C ASP A 161 31.04 -7.93 23.77
N LYS A 162 30.57 -9.17 23.77
CA LYS A 162 31.16 -10.20 22.93
C LYS A 162 30.60 -10.15 21.52
N CYS A 163 31.49 -10.30 20.54
CA CYS A 163 31.12 -10.46 19.14
C CYS A 163 31.83 -11.67 18.58
N VAL A 164 31.15 -12.40 17.70
CA VAL A 164 31.59 -13.72 17.26
C VAL A 164 32.34 -13.60 15.94
N LEU A 165 33.52 -14.20 15.87
CA LEU A 165 34.28 -14.32 14.65
C LEU A 165 33.99 -15.66 13.99
N ASP A 166 34.13 -15.70 12.66
CA ASP A 166 33.89 -16.91 11.87
C ASP A 166 35.09 -17.14 10.96
N MET A 167 36.05 -17.93 11.43
CA MET A 167 37.15 -18.38 10.59
C MET A 167 36.60 -19.49 9.71
N ARG A 168 36.07 -19.10 8.55
CA ARG A 168 35.32 -20.01 7.70
C ARG A 168 36.17 -21.15 7.16
N SER A 169 37.50 -21.02 7.22
CA SER A 169 38.38 -22.04 6.67
C SER A 169 38.58 -23.20 7.65
N MET A 170 39.07 -22.89 8.85
CA MET A 170 39.47 -23.90 9.82
C MET A 170 38.31 -24.48 10.61
N ASP A 171 37.06 -24.12 10.27
CA ASP A 171 35.88 -24.52 11.05
C ASP A 171 36.02 -24.07 12.50
N PHE A 172 36.66 -22.93 12.72
CA PHE A 172 36.95 -22.41 14.04
C PHE A 172 36.08 -21.19 14.32
N LYS A 173 35.35 -21.24 15.44
CA LYS A 173 34.53 -20.12 15.88
C LYS A 173 34.76 -19.92 17.38
N SER A 174 34.79 -18.66 17.80
CA SER A 174 35.03 -18.35 19.21
C SER A 174 34.49 -16.95 19.51
N ASN A 175 34.22 -16.72 20.79
CA ASN A 175 33.79 -15.41 21.26
C ASN A 175 35.00 -14.52 21.49
N SER A 176 34.76 -13.28 21.91
CA SER A 176 35.83 -12.33 22.15
C SER A 176 35.31 -11.22 23.07
N ALA A 177 36.24 -10.37 23.51
CA ALA A 177 35.91 -9.23 24.37
C ALA A 177 37.08 -8.26 24.36
N VAL A 178 36.76 -6.98 24.57
CA VAL A 178 37.76 -5.91 24.56
C VAL A 178 37.67 -5.10 25.83
N ALA A 179 38.83 -4.64 26.31
CA ALA A 179 38.92 -3.72 27.43
C ALA A 179 40.27 -3.01 27.33
N TRP A 180 40.27 -1.69 27.58
CA TRP A 180 41.48 -0.92 27.38
C TRP A 180 41.48 0.31 28.30
N SER A 181 42.65 0.91 28.42
CA SER A 181 42.86 2.17 29.14
C SER A 181 44.25 2.68 28.79
N ASN A 182 44.47 3.97 29.05
CA ASN A 182 45.74 4.61 28.75
C ASN A 182 46.61 4.83 29.99
N LYS A 183 46.18 4.33 31.14
CA LYS A 183 46.92 4.56 32.38
C LYS A 183 48.12 3.62 32.48
N SER A 184 49.15 4.08 33.17
CA SER A 184 50.37 3.28 33.33
C SER A 184 50.16 2.14 34.32
N ASP A 185 49.43 2.40 35.41
CA ASP A 185 49.21 1.35 36.41
C ASP A 185 48.27 0.27 35.87
N PHE A 186 47.40 0.61 34.93
CA PHE A 186 46.42 -0.32 34.39
C PHE A 186 47.11 -1.51 33.73
N ALA A 187 46.93 -2.70 34.30
CA ALA A 187 47.54 -3.92 33.79
C ALA A 187 46.45 -4.86 33.30
N CYS A 188 46.69 -5.47 32.13
CA CYS A 188 45.71 -6.38 31.55
C CYS A 188 45.57 -7.68 32.33
N ALA A 189 46.58 -8.05 33.12
CA ALA A 189 46.49 -9.25 33.94
C ALA A 189 45.58 -9.06 35.15
N ASN A 190 45.05 -7.86 35.37
CA ASN A 190 44.18 -7.58 36.51
C ASN A 190 42.95 -6.78 36.11
N ALA A 191 42.64 -6.71 34.81
CA ALA A 191 41.54 -5.88 34.34
C ALA A 191 40.20 -6.61 34.38
N PHE A 192 40.16 -7.86 33.90
CA PHE A 192 38.92 -8.62 33.82
C PHE A 192 38.50 -9.26 35.14
N ASN A 193 39.09 -8.85 36.26
CA ASN A 193 38.67 -9.38 37.56
C ASN A 193 37.28 -8.89 37.92
N ASN A 194 36.87 -7.72 37.44
CA ASN A 194 35.56 -7.18 37.75
C ASN A 194 34.42 -7.96 37.11
N SER A 195 34.73 -8.87 36.19
CA SER A 195 33.74 -9.71 35.54
C SER A 195 33.85 -11.14 36.06
N ILE A 196 32.76 -11.89 35.94
CA ILE A 196 32.72 -13.28 36.37
C ILE A 196 33.35 -14.13 35.29
N ILE A 197 34.56 -14.63 35.55
CA ILE A 197 35.27 -15.49 34.60
C ILE A 197 35.67 -16.76 35.33
N PRO A 198 35.80 -17.89 34.63
CA PRO A 198 36.17 -19.14 35.29
C PRO A 198 37.60 -19.09 35.82
N GLU A 199 37.90 -20.07 36.68
CA GLU A 199 39.19 -20.08 37.37
C GLU A 199 40.35 -20.39 36.42
N ASP A 200 40.09 -21.07 35.31
CA ASP A 200 41.14 -21.49 34.39
C ASP A 200 41.56 -20.39 33.42
N THR A 201 41.30 -19.12 33.75
CA THR A 201 41.74 -18.01 32.92
C THR A 201 43.25 -18.07 32.72
N PHE A 202 43.65 -18.23 31.45
CA PHE A 202 45.05 -18.39 31.10
C PHE A 202 45.69 -17.02 30.90
N PHE A 203 46.74 -16.74 31.66
CA PHE A 203 47.49 -15.50 31.56
C PHE A 203 48.91 -15.77 31.06
N PRO A 204 49.54 -14.79 30.40
CA PRO A 204 50.92 -14.99 29.94
C PRO A 204 51.88 -15.19 31.11
N SER A 205 52.91 -15.98 30.86
CA SER A 205 53.93 -16.26 31.87
C SER A 205 54.92 -15.12 31.99
N THR B 3 17.89 -6.02 -9.69
CA THR B 3 18.15 -5.38 -8.40
C THR B 3 19.35 -4.43 -8.54
N GLY B 4 19.42 -3.40 -7.71
CA GLY B 4 18.44 -3.11 -6.69
C GLY B 4 18.09 -1.64 -6.52
N VAL B 5 17.22 -1.33 -5.57
CA VAL B 5 16.88 0.07 -5.31
C VAL B 5 18.09 0.77 -4.70
N SER B 6 18.27 2.05 -5.04
CA SER B 6 19.37 2.86 -4.56
C SER B 6 18.85 4.07 -3.81
N GLN B 7 19.73 4.66 -3.00
CA GLN B 7 19.42 5.88 -2.26
C GLN B 7 20.70 6.72 -2.14
N ASP B 8 20.50 8.02 -1.90
CA ASP B 8 21.60 8.95 -1.75
C ASP B 8 21.11 10.21 -1.04
N PRO B 9 21.74 10.61 0.08
CA PRO B 9 22.84 9.86 0.71
C PRO B 9 22.33 8.83 1.72
N ARG B 10 23.25 8.23 2.47
CA ARG B 10 22.90 7.19 3.43
C ARG B 10 22.81 7.70 4.86
N HIS B 11 23.72 8.59 5.25
CA HIS B 11 23.69 9.22 6.57
C HIS B 11 23.91 10.71 6.44
N LYS B 12 23.27 11.46 7.34
CA LYS B 12 23.40 12.91 7.42
C LYS B 12 22.98 13.33 8.81
N ILE B 13 23.12 14.63 9.11
CA ILE B 13 22.62 15.18 10.37
C ILE B 13 22.53 16.70 10.22
N THR B 14 21.48 17.29 10.79
CA THR B 14 21.27 18.73 10.72
C THR B 14 20.81 19.25 12.07
N LYS B 15 20.81 20.59 12.19
CA LYS B 15 20.22 21.26 13.33
C LYS B 15 18.77 21.63 13.01
N ARG B 16 17.94 21.65 14.05
CA ARG B 16 16.53 21.95 13.85
C ARG B 16 16.33 23.35 13.32
N GLY B 17 15.41 23.50 12.36
CA GLY B 17 15.05 24.78 11.78
C GLY B 17 15.25 24.85 10.27
N GLN B 18 16.19 24.06 9.74
CA GLN B 18 16.51 24.09 8.33
C GLN B 18 15.83 22.94 7.60
N ASN B 19 16.18 22.75 6.33
CA ASN B 19 15.55 21.76 5.48
C ASN B 19 16.54 20.66 5.09
N VAL B 20 16.01 19.52 4.67
CA VAL B 20 16.77 18.38 4.20
C VAL B 20 16.14 17.87 2.91
N THR B 21 16.88 17.02 2.20
CA THR B 21 16.40 16.47 0.94
C THR B 21 17.15 15.18 0.63
N PHE B 22 16.40 14.13 0.29
CA PHE B 22 16.96 12.85 -0.10
C PHE B 22 16.53 12.50 -1.52
N ARG B 23 17.35 11.71 -2.20
CA ARG B 23 17.17 11.41 -3.61
C ARG B 23 17.25 9.90 -3.80
N CYS B 24 16.13 9.27 -4.15
CA CYS B 24 16.05 7.83 -4.36
C CYS B 24 16.05 7.49 -5.84
N ASP B 25 16.48 6.27 -6.15
CA ASP B 25 16.52 5.77 -7.52
C ASP B 25 16.13 4.29 -7.54
N PRO B 26 14.91 3.97 -8.02
CA PRO B 26 14.49 2.57 -8.06
C PRO B 26 15.08 1.80 -9.23
N ILE B 27 14.65 0.56 -9.42
CA ILE B 27 15.14 -0.30 -10.49
C ILE B 27 14.35 -0.07 -11.78
N SER B 28 14.88 -0.62 -12.88
CA SER B 28 14.33 -0.35 -14.21
C SER B 28 12.89 -0.84 -14.33
N GLU B 29 12.07 -0.03 -15.00
CA GLU B 29 10.71 -0.40 -15.40
C GLU B 29 9.81 -0.70 -14.20
N HIS B 30 10.12 -0.13 -13.04
CA HIS B 30 9.28 -0.27 -11.86
C HIS B 30 8.40 0.97 -11.75
N ASN B 31 7.08 0.77 -11.76
CA ASN B 31 6.11 1.85 -11.89
C ASN B 31 5.33 2.08 -10.59
N ARG B 32 5.90 1.73 -9.45
CA ARG B 32 5.33 2.06 -8.16
C ARG B 32 6.46 2.17 -7.14
N LEU B 33 6.38 3.21 -6.30
CA LEU B 33 7.46 3.52 -5.36
C LEU B 33 6.86 4.02 -4.06
N TYR B 34 7.23 3.38 -2.96
CA TYR B 34 6.77 3.74 -1.63
C TYR B 34 7.89 4.41 -0.83
N TRP B 35 7.50 5.32 0.05
CA TRP B 35 8.41 5.92 1.01
C TRP B 35 7.99 5.53 2.41
N TYR B 36 8.95 5.08 3.21
CA TYR B 36 8.70 4.66 4.59
C TYR B 36 9.67 5.39 5.51
N ARG B 37 9.26 5.54 6.77
CA ARG B 37 10.14 6.03 7.81
C ARG B 37 10.20 5.02 8.94
N GLN B 38 11.39 4.72 9.42
CA GLN B 38 11.62 3.74 10.47
C GLN B 38 12.29 4.42 11.65
N THR B 39 11.55 4.60 12.74
CA THR B 39 12.13 5.16 13.94
C THR B 39 13.12 4.18 14.56
N LEU B 40 13.94 4.69 15.48
CA LEU B 40 15.00 3.90 16.07
C LEU B 40 14.42 2.76 16.91
N GLY B 41 14.73 1.52 16.52
CA GLY B 41 14.27 0.36 17.26
C GLY B 41 12.80 0.04 17.12
N GLN B 42 12.10 0.61 16.14
CA GLN B 42 10.69 0.38 15.93
C GLN B 42 10.44 0.00 14.47
N GLY B 43 9.18 -0.25 14.16
CA GLY B 43 8.80 -0.65 12.82
C GLY B 43 8.75 0.52 11.86
N PRO B 44 9.00 0.26 10.58
CA PRO B 44 8.92 1.32 9.58
C PRO B 44 7.48 1.81 9.43
N GLU B 45 7.30 3.12 9.57
CA GLU B 45 6.00 3.74 9.39
C GLU B 45 5.82 4.16 7.93
N PHE B 46 4.59 4.05 7.44
CA PHE B 46 4.28 4.42 6.07
C PHE B 46 4.04 5.93 5.97
N LEU B 47 4.65 6.55 4.96
CA LEU B 47 4.53 7.99 4.75
C LEU B 47 3.79 8.33 3.46
N THR B 48 4.26 7.85 2.33
CA THR B 48 3.66 8.16 1.03
C THR B 48 4.08 7.09 0.03
N TYR B 49 3.35 7.04 -1.07
CA TYR B 49 3.56 5.99 -2.10
C TYR B 49 3.11 6.53 -3.45
N PHE B 50 3.80 6.15 -4.51
CA PHE B 50 3.59 6.68 -5.84
C PHE B 50 3.14 5.57 -6.79
N GLN B 51 2.50 6.00 -7.87
CA GLN B 51 2.42 5.24 -9.12
C GLN B 51 2.60 6.25 -10.24
N ASN B 52 3.75 6.21 -10.90
CA ASN B 52 3.95 6.97 -12.14
C ASN B 52 3.77 8.47 -11.91
N GLU B 53 4.80 9.08 -11.32
CA GLU B 53 5.02 10.51 -11.16
C GLU B 53 3.94 11.23 -10.34
N ALA B 54 2.90 10.55 -9.88
CA ALA B 54 1.78 11.21 -9.23
C ALA B 54 1.49 10.57 -7.88
N GLN B 55 1.11 11.39 -6.90
CA GLN B 55 0.98 10.93 -5.53
C GLN B 55 -0.43 10.41 -5.26
N LEU B 56 -0.49 9.28 -4.55
CA LEU B 56 -1.76 8.62 -4.29
C LEU B 56 -2.17 8.66 -2.82
N GLU B 57 -1.23 8.75 -1.89
CA GLU B 57 -1.59 8.73 -0.48
C GLU B 57 -0.50 9.40 0.33
N LYS B 58 -0.89 9.86 1.52
CA LYS B 58 0.01 10.50 2.48
C LYS B 58 -0.55 10.23 3.87
N SER B 59 0.26 9.65 4.74
CA SER B 59 -0.22 9.33 6.08
C SER B 59 -0.71 10.59 6.77
N ARG B 60 -2.00 10.62 7.12
CA ARG B 60 -2.59 11.81 7.69
C ARG B 60 -2.02 12.16 9.06
N LEU B 61 -1.30 11.24 9.69
CA LEU B 61 -0.59 11.53 10.93
C LEU B 61 0.69 12.32 10.68
N LEU B 62 0.91 12.80 9.46
CA LEU B 62 2.03 13.65 9.11
C LEU B 62 1.57 15.10 9.02
N SER B 63 2.46 15.98 8.58
CA SER B 63 2.16 17.38 8.37
C SER B 63 2.61 17.78 6.96
N ASP B 64 2.19 18.97 6.55
CA ASP B 64 2.56 19.49 5.23
C ASP B 64 4.02 19.88 5.13
N ARG B 65 4.77 19.81 6.25
CA ARG B 65 6.20 20.08 6.19
C ARG B 65 6.92 19.08 5.29
N PHE B 66 6.47 17.83 5.31
CA PHE B 66 7.04 16.81 4.43
C PHE B 66 6.68 17.11 2.98
N SER B 67 7.64 16.91 2.08
CA SER B 67 7.45 17.16 0.66
C SER B 67 8.13 16.06 -0.14
N ALA B 68 7.34 15.29 -0.88
CA ALA B 68 7.85 14.24 -1.75
C ALA B 68 7.38 14.49 -3.18
N GLU B 69 8.13 13.96 -4.13
CA GLU B 69 7.80 14.15 -5.54
C GLU B 69 8.61 13.17 -6.39
N ARG B 70 7.98 12.70 -7.48
CA ARG B 70 8.63 11.81 -8.45
C ARG B 70 8.41 12.38 -9.85
N PRO B 71 8.93 13.58 -10.13
CA PRO B 71 8.49 14.31 -11.33
C PRO B 71 8.76 13.58 -12.64
N LYS B 72 9.91 12.92 -12.78
CA LYS B 72 10.30 12.35 -14.05
C LYS B 72 9.79 10.92 -14.27
N GLY B 73 9.01 10.39 -13.32
CA GLY B 73 8.42 9.09 -13.47
C GLY B 73 9.27 7.93 -12.98
N SER B 74 10.57 8.15 -12.76
CA SER B 74 11.45 7.11 -12.25
C SER B 74 11.97 7.44 -10.86
N PHE B 75 12.66 8.56 -10.69
CA PHE B 75 13.31 8.88 -9.42
C PHE B 75 12.41 9.76 -8.56
N SER B 76 12.55 9.60 -7.24
CA SER B 76 11.77 10.35 -6.28
C SER B 76 12.70 11.16 -5.38
N THR B 77 12.20 12.28 -4.87
CA THR B 77 12.95 13.16 -3.99
C THR B 77 12.08 13.53 -2.80
N LEU B 78 12.58 13.27 -1.60
CA LEU B 78 11.91 13.70 -0.37
C LEU B 78 12.49 15.03 0.09
N GLU B 79 11.64 15.85 0.71
CA GLU B 79 12.07 17.13 1.25
C GLU B 79 11.28 17.41 2.52
N ILE B 80 12.00 17.82 3.57
CA ILE B 80 11.39 18.09 4.86
C ILE B 80 11.78 19.50 5.29
N GLN B 81 10.78 20.30 5.65
CA GLN B 81 10.99 21.65 6.16
C GLN B 81 10.77 21.67 7.66
N ARG B 82 11.46 22.60 8.33
CA ARG B 82 11.35 22.78 9.79
C ARG B 82 11.67 21.48 10.52
N THR B 83 12.89 20.99 10.32
CA THR B 83 13.31 19.74 10.91
C THR B 83 13.31 19.82 12.44
N GLU B 84 12.97 18.70 13.07
CA GLU B 84 12.93 18.60 14.53
C GLU B 84 13.50 17.25 14.94
N GLN B 85 13.76 17.10 16.25
CA GLN B 85 14.25 15.83 16.76
C GLN B 85 13.23 14.71 16.58
N GLY B 86 11.94 15.05 16.59
CA GLY B 86 10.90 14.07 16.39
C GLY B 86 10.83 13.49 15.00
N ASP B 87 11.64 14.00 14.07
CA ASP B 87 11.69 13.48 12.70
C ASP B 87 12.93 12.64 12.45
N SER B 88 13.84 12.53 13.41
CA SER B 88 15.07 11.76 13.21
C SER B 88 14.74 10.28 13.17
N ALA B 89 14.98 9.66 12.02
CA ALA B 89 14.71 8.23 11.80
C ALA B 89 15.38 7.83 10.49
N MET B 90 15.13 6.59 10.06
CA MET B 90 15.66 6.08 8.81
C MET B 90 14.55 6.08 7.75
N TYR B 91 14.79 6.78 6.65
CA TYR B 91 13.86 6.84 5.53
C TYR B 91 14.30 5.85 4.46
N LEU B 92 13.43 4.89 4.15
CA LEU B 92 13.77 3.80 3.24
C LEU B 92 12.91 3.90 1.98
N CYS B 93 13.57 3.84 0.83
CA CYS B 93 12.87 3.79 -0.44
C CYS B 93 12.49 2.35 -0.78
N ALA B 94 11.37 2.19 -1.49
CA ALA B 94 10.89 0.87 -1.86
C ALA B 94 10.10 0.97 -3.15
N SER B 95 10.34 0.02 -4.06
CA SER B 95 9.69 -0.01 -5.36
C SER B 95 8.98 -1.35 -5.55
N SER B 96 8.03 -1.35 -6.49
CA SER B 96 7.28 -2.56 -6.82
C SER B 96 6.94 -2.52 -8.31
N LEU B 97 6.04 -3.40 -8.72
CA LEU B 97 5.68 -3.52 -10.13
C LEU B 97 4.19 -3.36 -10.42
N ARG B 98 3.32 -3.60 -9.44
CA ARG B 98 1.87 -3.41 -9.52
C ARG B 98 1.24 -4.40 -10.50
N ASP B 99 2.07 -5.12 -11.25
CA ASP B 99 1.61 -6.20 -12.11
C ASP B 99 2.01 -7.57 -11.56
N ARG B 100 2.87 -7.62 -10.56
CA ARG B 100 3.07 -8.83 -9.77
C ARG B 100 1.93 -8.94 -8.77
N VAL B 101 1.20 -10.05 -8.82
CA VAL B 101 0.04 -10.22 -7.94
C VAL B 101 0.45 -10.24 -6.48
N PRO B 102 1.51 -10.94 -6.05
CA PRO B 102 1.95 -10.79 -4.65
C PRO B 102 2.38 -9.38 -4.30
N GLU B 103 2.69 -8.55 -5.31
CA GLU B 103 3.02 -7.14 -5.12
C GLU B 103 4.22 -6.97 -4.18
N THR B 104 5.35 -7.50 -4.64
CA THR B 104 6.58 -7.49 -3.85
C THR B 104 7.19 -6.10 -3.85
N GLN B 105 7.51 -5.61 -2.65
CA GLN B 105 8.19 -4.32 -2.48
C GLN B 105 9.63 -4.59 -2.10
N TYR B 106 10.56 -4.02 -2.88
CA TYR B 106 11.98 -4.20 -2.67
C TYR B 106 12.57 -2.91 -2.12
N PHE B 107 13.20 -3.00 -0.96
CA PHE B 107 13.71 -1.83 -0.26
C PHE B 107 15.16 -1.54 -0.64
N GLY B 108 15.58 -0.31 -0.39
CA GLY B 108 16.95 0.09 -0.59
C GLY B 108 17.70 0.17 0.73
N PRO B 109 18.96 0.61 0.68
CA PRO B 109 19.75 0.73 1.91
C PRO B 109 19.18 1.73 2.90
N GLY B 110 18.35 2.67 2.45
CA GLY B 110 17.75 3.64 3.33
C GLY B 110 18.64 4.82 3.62
N THR B 111 18.07 5.81 4.29
CA THR B 111 18.78 7.03 4.68
C THR B 111 18.52 7.31 6.15
N ARG B 112 19.54 7.14 6.98
CA ARG B 112 19.44 7.48 8.39
C ARG B 112 19.67 8.98 8.59
N LEU B 113 18.88 9.57 9.48
CA LEU B 113 19.01 10.98 9.82
C LEU B 113 19.11 11.16 11.32
N LEU B 114 19.47 12.38 11.72
CA LEU B 114 19.62 12.76 13.12
C LEU B 114 19.46 14.27 13.21
N VAL B 115 18.71 14.74 14.20
CA VAL B 115 18.50 16.16 14.43
C VAL B 115 18.87 16.48 15.88
N LEU B 116 19.51 17.63 16.07
CA LEU B 116 19.93 18.06 17.40
C LEU B 116 19.49 19.50 17.64
N GLU B 117 19.96 20.10 18.73
CA GLU B 117 19.73 21.51 18.99
C GLU B 117 20.92 22.38 18.60
N ASP B 118 22.09 21.80 18.40
CA ASP B 118 23.28 22.55 18.00
C ASP B 118 24.27 21.58 17.37
N LEU B 119 25.23 22.15 16.64
CA LEU B 119 26.26 21.37 15.95
C LEU B 119 27.56 21.30 16.74
N LYS B 120 27.52 21.59 18.03
CA LYS B 120 28.71 21.49 18.88
C LYS B 120 28.92 20.06 19.38
N ASN B 121 28.83 19.09 18.47
CA ASN B 121 28.97 17.69 18.83
C ASN B 121 29.82 16.86 17.88
N VAL B 122 30.12 17.34 16.67
CA VAL B 122 30.72 16.48 15.64
C VAL B 122 32.21 16.34 15.88
N PHE B 123 32.70 15.09 15.74
CA PHE B 123 34.12 14.78 15.88
C PHE B 123 34.45 13.58 15.00
N PRO B 124 35.61 13.57 14.35
CA PRO B 124 35.99 12.42 13.53
C PRO B 124 36.76 11.39 14.35
N PRO B 125 36.80 10.14 13.90
CA PRO B 125 37.45 9.08 14.69
C PRO B 125 38.96 8.98 14.50
N GLU B 126 39.64 8.65 15.58
CA GLU B 126 41.05 8.27 15.56
C GLU B 126 41.14 6.74 15.60
N VAL B 127 42.03 6.18 14.79
CA VAL B 127 42.14 4.74 14.63
C VAL B 127 43.52 4.28 15.07
N ALA B 128 43.56 3.12 15.72
CA ALA B 128 44.81 2.52 16.16
C ALA B 128 44.66 1.00 16.16
N VAL B 129 45.63 0.30 15.58
CA VAL B 129 45.63 -1.15 15.47
C VAL B 129 46.61 -1.72 16.48
N PHE B 130 46.18 -2.74 17.21
CA PHE B 130 46.99 -3.38 18.23
C PHE B 130 47.38 -4.79 17.78
N GLU B 131 48.60 -5.19 18.13
CA GLU B 131 49.23 -6.41 17.66
C GLU B 131 49.09 -7.54 18.68
N PRO B 132 48.87 -8.76 18.20
CA PRO B 132 48.72 -9.90 19.13
C PRO B 132 50.02 -10.19 19.86
N SER B 133 49.87 -10.64 21.11
CA SER B 133 51.02 -11.01 21.92
C SER B 133 51.49 -12.42 21.58
N GLU B 134 52.78 -12.66 21.74
CA GLU B 134 53.35 -13.97 21.48
C GLU B 134 52.94 -15.01 22.53
N ALA B 135 52.31 -14.58 23.63
CA ALA B 135 51.75 -15.55 24.57
C ALA B 135 50.65 -16.37 23.92
N GLU B 136 49.70 -15.70 23.26
CA GLU B 136 48.68 -16.42 22.50
C GLU B 136 49.26 -17.03 21.24
N ILE B 137 50.21 -16.34 20.61
CA ILE B 137 50.80 -16.82 19.35
C ILE B 137 51.53 -18.14 19.58
N SER B 138 52.40 -18.19 20.58
CA SER B 138 53.05 -19.46 20.92
C SER B 138 52.26 -20.25 21.94
N HIS B 139 50.94 -20.32 21.75
CA HIS B 139 50.09 -21.27 22.45
C HIS B 139 49.01 -21.88 21.56
N THR B 140 48.60 -21.21 20.47
CA THR B 140 47.45 -21.64 19.70
C THR B 140 47.67 -21.61 18.19
N GLN B 141 48.86 -21.22 17.72
CA GLN B 141 49.17 -21.03 16.30
C GLN B 141 48.31 -19.95 15.64
N LYS B 142 47.62 -19.13 16.44
CA LYS B 142 46.71 -18.13 15.93
C LYS B 142 47.03 -16.77 16.55
N ALA B 143 46.93 -15.72 15.74
CA ALA B 143 47.16 -14.35 16.18
C ALA B 143 45.86 -13.56 16.04
N THR B 144 45.50 -12.83 17.09
CA THR B 144 44.24 -12.08 17.14
C THR B 144 44.56 -10.60 17.27
N LEU B 145 44.28 -9.83 16.22
CA LEU B 145 44.50 -8.40 16.22
C LEU B 145 43.27 -7.68 16.79
N VAL B 146 43.50 -6.45 17.26
CA VAL B 146 42.44 -5.61 17.82
C VAL B 146 42.56 -4.22 17.22
N CYS B 147 41.51 -3.79 16.52
CA CYS B 147 41.42 -2.43 16.01
C CYS B 147 40.52 -1.60 16.91
N LEU B 148 40.70 -0.28 16.85
CA LEU B 148 39.96 0.63 17.72
C LEU B 148 39.53 1.86 16.92
N ALA B 149 38.61 2.61 17.52
CA ALA B 149 38.14 3.87 16.93
C ALA B 149 37.60 4.72 18.09
N THR B 150 38.29 5.81 18.40
CA THR B 150 38.00 6.61 19.58
C THR B 150 37.75 8.06 19.20
N GLY B 151 36.93 8.73 20.02
CA GLY B 151 36.70 10.15 19.90
C GLY B 151 35.98 10.61 18.64
N PHE B 152 34.92 9.92 18.25
CA PHE B 152 34.11 10.33 17.11
C PHE B 152 32.67 10.60 17.54
N TYR B 153 31.93 11.23 16.64
CA TYR B 153 30.53 11.57 16.84
C TYR B 153 29.91 11.99 15.51
N PRO B 154 28.72 11.49 15.16
CA PRO B 154 27.93 10.55 15.95
C PRO B 154 28.26 9.09 15.66
N ASP B 155 27.36 8.18 16.04
CA ASP B 155 27.55 6.75 15.85
C ASP B 155 27.13 6.34 14.43
N HIS B 156 27.77 6.97 13.45
CA HIS B 156 27.52 6.71 12.03
C HIS B 156 28.77 6.16 11.36
N VAL B 157 29.48 5.27 12.05
CA VAL B 157 30.74 4.72 11.57
C VAL B 157 30.50 3.56 10.62
N GLU B 158 31.56 3.15 9.90
CA GLU B 158 31.49 2.00 9.01
C GLU B 158 32.91 1.42 8.94
N LEU B 159 33.11 0.28 9.59
CA LEU B 159 34.44 -0.31 9.75
C LEU B 159 34.61 -1.51 8.84
N SER B 160 35.85 -1.69 8.37
CA SER B 160 36.18 -2.83 7.52
C SER B 160 37.68 -3.10 7.60
N TRP B 161 38.04 -4.38 7.60
CA TRP B 161 39.43 -4.79 7.60
C TRP B 161 39.94 -4.97 6.17
N TRP B 162 41.26 -4.98 6.02
CA TRP B 162 41.89 -5.15 4.73
C TRP B 162 43.20 -5.90 4.90
N VAL B 163 43.37 -6.97 4.12
CA VAL B 163 44.61 -7.74 4.09
C VAL B 163 45.24 -7.55 2.72
N ASN B 164 46.42 -6.95 2.69
CA ASN B 164 47.17 -6.71 1.45
C ASN B 164 46.36 -5.92 0.44
N GLY B 165 45.53 -4.99 0.92
CA GLY B 165 44.69 -4.20 0.04
C GLY B 165 43.47 -4.92 -0.48
N LYS B 166 43.17 -6.12 0.01
CA LYS B 166 42.00 -6.86 -0.41
C LYS B 166 41.17 -7.21 0.82
N GLU B 167 39.86 -6.95 0.74
CA GLU B 167 38.99 -7.08 1.90
C GLU B 167 38.85 -8.54 2.32
N VAL B 168 38.83 -8.76 3.64
CA VAL B 168 38.66 -10.09 4.22
C VAL B 168 37.59 -10.02 5.29
N HIS B 169 36.79 -11.08 5.40
CA HIS B 169 35.74 -11.13 6.39
C HIS B 169 35.82 -12.39 7.24
N SER B 170 36.28 -13.49 6.65
CA SER B 170 36.43 -14.74 7.37
C SER B 170 37.46 -14.59 8.49
N GLY B 171 37.01 -14.65 9.74
CA GLY B 171 37.85 -14.38 10.88
C GLY B 171 37.78 -12.97 11.41
N VAL B 172 36.83 -12.16 10.94
CA VAL B 172 36.67 -10.78 11.37
C VAL B 172 35.40 -10.69 12.21
N CYS B 173 35.53 -10.10 13.39
CA CYS B 173 34.39 -9.86 14.28
C CYS B 173 34.43 -8.40 14.74
N THR B 174 33.24 -7.81 14.88
CA THR B 174 33.13 -6.41 15.26
C THR B 174 31.85 -6.23 16.07
N ASP B 175 31.94 -5.41 17.11
CA ASP B 175 30.78 -5.11 17.93
C ASP B 175 29.71 -4.42 17.07
N PRO B 176 28.49 -4.95 17.00
CA PRO B 176 27.49 -4.39 16.08
C PRO B 176 27.10 -2.96 16.40
N GLN B 177 27.29 -2.49 17.63
CA GLN B 177 26.91 -1.13 18.00
C GLN B 177 28.04 -0.50 18.80
N PRO B 178 28.17 0.83 18.74
CA PRO B 178 29.18 1.52 19.55
C PRO B 178 28.68 1.85 20.95
N LEU B 179 29.51 2.52 21.74
CA LEU B 179 29.14 2.93 23.08
C LEU B 179 29.63 4.35 23.30
N LYS B 180 29.25 4.92 24.45
CA LYS B 180 29.63 6.28 24.81
C LYS B 180 30.84 6.26 25.71
N GLU B 181 31.85 7.08 25.38
CA GLU B 181 33.01 7.23 26.24
C GLU B 181 32.65 7.92 27.55
N GLN B 182 31.58 8.70 27.57
CA GLN B 182 31.05 9.33 28.78
C GLN B 182 29.56 9.02 28.86
N PRO B 183 29.19 7.87 29.41
CA PRO B 183 27.76 7.52 29.50
C PRO B 183 26.94 8.44 30.38
N ALA B 184 27.56 9.40 31.06
CA ALA B 184 26.84 10.36 31.89
C ALA B 184 26.40 11.60 31.11
N LEU B 185 26.75 11.70 29.83
CA LEU B 185 26.37 12.83 29.01
C LEU B 185 25.32 12.42 27.97
N SER B 188 27.72 13.00 23.92
CA SER B 188 28.86 12.20 24.39
C SER B 188 29.56 11.51 23.23
N ARG B 189 30.89 11.61 23.20
CA ARG B 189 31.67 10.99 22.13
C ARG B 189 31.51 9.47 22.17
N TYR B 190 31.55 8.87 21.00
CA TYR B 190 31.36 7.43 20.84
C TYR B 190 32.68 6.75 20.51
N ALA B 191 32.79 5.49 20.89
CA ALA B 191 33.95 4.66 20.59
C ALA B 191 33.49 3.27 20.19
N LEU B 192 34.27 2.62 19.33
CA LEU B 192 33.93 1.30 18.82
C LEU B 192 35.18 0.44 18.77
N SER B 193 34.99 -0.87 18.94
CA SER B 193 36.07 -1.84 18.92
C SER B 193 35.84 -2.85 17.79
N SER B 194 36.94 -3.42 17.29
CA SER B 194 36.87 -4.43 16.25
C SER B 194 38.12 -5.29 16.33
N ARG B 195 38.05 -6.46 15.70
CA ARG B 195 39.13 -7.44 15.82
C ARG B 195 39.28 -8.20 14.50
N LEU B 196 40.40 -8.92 14.40
CA LEU B 196 40.66 -9.82 13.29
C LEU B 196 41.64 -10.89 13.78
N ARG B 197 41.28 -12.16 13.62
CA ARG B 197 42.10 -13.27 14.05
C ARG B 197 42.47 -14.13 12.85
N VAL B 198 43.77 -14.34 12.65
CA VAL B 198 44.29 -15.22 11.63
C VAL B 198 45.40 -16.07 12.24
N SER B 199 45.73 -17.16 11.55
CA SER B 199 46.76 -18.07 12.04
C SER B 199 48.10 -17.36 12.13
N ALA B 200 48.89 -17.73 13.15
CA ALA B 200 50.18 -17.10 13.38
C ALA B 200 51.12 -17.28 12.20
N THR B 201 50.99 -18.40 11.47
CA THR B 201 51.80 -18.61 10.28
C THR B 201 51.50 -17.60 9.19
N PHE B 202 50.41 -16.85 9.30
CA PHE B 202 50.14 -15.70 8.45
C PHE B 202 50.45 -14.38 9.14
N TRP B 203 51.01 -14.42 10.35
CA TRP B 203 51.37 -13.20 11.05
C TRP B 203 52.86 -12.92 11.04
N GLN B 204 53.70 -13.96 10.91
CA GLN B 204 55.13 -13.79 11.07
C GLN B 204 55.85 -13.42 9.77
N ASN B 205 55.34 -13.84 8.60
CA ASN B 205 56.14 -13.47 7.45
C ASN B 205 55.80 -12.03 7.01
N PRO B 206 56.81 -11.22 6.64
CA PRO B 206 56.61 -9.79 6.40
C PRO B 206 56.19 -9.45 4.96
N ARG B 207 55.15 -10.13 4.47
CA ARG B 207 54.49 -9.72 3.23
C ARG B 207 53.01 -9.47 3.41
N ASN B 208 52.46 -9.72 4.60
CA ASN B 208 51.03 -9.53 4.85
C ASN B 208 50.80 -8.14 5.42
N HIS B 209 49.94 -7.37 4.77
CA HIS B 209 49.60 -6.03 5.23
C HIS B 209 48.32 -6.09 6.05
N PHE B 210 48.37 -5.56 7.26
CA PHE B 210 47.25 -5.56 8.19
C PHE B 210 46.78 -4.12 8.36
N ARG B 211 45.78 -3.72 7.57
CA ARG B 211 45.22 -2.38 7.61
C ARG B 211 43.77 -2.45 8.06
N CYS B 212 43.40 -1.62 9.03
CA CYS B 212 42.04 -1.53 9.52
C CYS B 212 41.45 -0.19 9.08
N GLN B 213 40.47 -0.25 8.18
CA GLN B 213 39.86 0.95 7.60
C GLN B 213 38.58 1.27 8.36
N VAL B 214 38.48 2.50 8.86
CA VAL B 214 37.30 2.99 9.55
C VAL B 214 36.76 4.16 8.74
N GLN B 215 35.61 3.96 8.10
CA GLN B 215 34.96 5.00 7.33
C GLN B 215 33.90 5.68 8.18
N PHE B 216 33.89 7.01 8.16
CA PHE B 216 33.00 7.80 8.99
C PHE B 216 32.14 8.70 8.10
N TYR B 217 30.84 8.75 8.40
CA TYR B 217 29.89 9.61 7.69
C TYR B 217 29.76 10.90 8.49
N GLY B 218 30.42 11.96 8.02
CA GLY B 218 30.42 13.21 8.74
C GLY B 218 29.69 14.33 8.04
N LEU B 219 30.26 15.55 8.10
CA LEU B 219 29.64 16.71 7.50
C LEU B 219 29.96 16.80 6.01
N SER B 220 29.21 17.63 5.32
CA SER B 220 29.38 17.87 3.89
C SER B 220 29.99 19.25 3.67
N GLU B 221 30.20 19.58 2.40
CA GLU B 221 30.84 20.84 2.03
C GLU B 221 29.87 22.01 2.00
N ASN B 222 28.58 21.78 2.27
CA ASN B 222 27.60 22.85 2.36
C ASN B 222 27.34 23.30 3.80
N ASP B 223 27.85 22.56 4.79
CA ASP B 223 27.61 22.90 6.19
C ASP B 223 28.56 23.99 6.65
N GLU B 224 28.09 24.81 7.59
CA GLU B 224 28.89 25.87 8.18
C GLU B 224 29.64 25.34 9.39
N TRP B 225 30.95 25.54 9.41
CA TRP B 225 31.79 25.11 10.53
C TRP B 225 32.40 26.34 11.19
N THR B 226 32.14 26.50 12.49
CA THR B 226 32.59 27.66 13.24
C THR B 226 33.74 27.38 14.19
N GLN B 227 33.86 26.15 14.68
CA GLN B 227 34.88 25.84 15.67
C GLN B 227 36.28 25.99 15.09
N ASP B 228 37.21 26.44 15.92
CA ASP B 228 38.59 26.72 15.50
C ASP B 228 39.40 25.42 15.48
N ARG B 229 39.12 24.61 14.46
CA ARG B 229 39.80 23.34 14.25
C ARG B 229 39.46 22.87 12.85
N ALA B 230 39.93 21.66 12.51
CA ALA B 230 39.63 21.07 11.22
C ALA B 230 38.18 20.61 11.18
N LYS B 231 37.54 20.82 10.03
CA LYS B 231 36.14 20.46 9.89
C LYS B 231 35.97 18.94 9.86
N PRO B 232 35.15 18.37 10.74
CA PRO B 232 34.96 16.91 10.72
C PRO B 232 34.14 16.45 9.52
N VAL B 233 34.78 16.35 8.36
CA VAL B 233 34.08 16.00 7.14
C VAL B 233 33.97 14.49 7.02
N THR B 234 33.09 14.04 6.12
CA THR B 234 32.98 12.62 5.80
C THR B 234 34.29 12.14 5.17
N GLN B 235 35.01 11.29 5.88
CA GLN B 235 36.34 10.88 5.46
C GLN B 235 36.55 9.41 5.79
N ILE B 236 37.75 8.92 5.49
CA ILE B 236 38.16 7.55 5.80
C ILE B 236 39.47 7.62 6.57
N VAL B 237 39.47 7.12 7.80
CA VAL B 237 40.65 7.09 8.65
C VAL B 237 41.01 5.64 8.91
N SER B 238 42.26 5.28 8.61
CA SER B 238 42.71 3.90 8.70
C SER B 238 44.05 3.83 9.44
N ALA B 239 44.21 2.78 10.23
CA ALA B 239 45.48 2.46 10.88
C ALA B 239 45.95 1.09 10.41
N GLU B 240 47.26 0.88 10.43
CA GLU B 240 47.83 -0.32 9.85
C GLU B 240 48.95 -0.86 10.74
N ALA B 241 49.27 -2.13 10.52
CA ALA B 241 50.39 -2.79 11.19
C ALA B 241 51.00 -3.80 10.22
N TRP B 242 52.23 -4.19 10.50
CA TRP B 242 52.99 -5.05 9.60
C TRP B 242 53.25 -6.40 10.26
N GLY B 243 53.54 -7.40 9.41
CA GLY B 243 53.88 -8.71 9.92
C GLY B 243 55.17 -8.68 10.73
N ARG B 244 55.22 -9.53 11.75
CA ARG B 244 56.31 -9.50 12.72
C ARG B 244 56.71 -10.91 13.11
N ALA B 245 58.01 -11.17 13.11
CA ALA B 245 58.54 -12.47 13.49
C ALA B 245 59.28 -12.38 14.82
N GLY C 2 -33.15 -9.48 2.36
CA GLY C 2 -32.95 -10.72 1.62
C GLY C 2 -31.73 -10.68 0.72
N SER C 3 -31.94 -10.96 -0.56
CA SER C 3 -30.84 -10.97 -1.53
C SER C 3 -30.49 -9.54 -1.91
N HIS C 4 -29.20 -9.20 -1.83
CA HIS C 4 -28.71 -7.87 -2.13
C HIS C 4 -27.44 -7.98 -2.97
N SER C 5 -26.84 -6.84 -3.28
CA SER C 5 -25.68 -6.80 -4.16
C SER C 5 -24.92 -5.51 -3.93
N MET C 6 -23.82 -5.35 -4.66
CA MET C 6 -22.97 -4.13 -4.59
C MET C 6 -22.18 -4.06 -5.91
N ARG C 7 -22.05 -2.89 -6.49
CA ARG C 7 -21.34 -2.70 -7.75
C ARG C 7 -20.39 -1.52 -7.65
N TYR C 8 -19.41 -1.51 -8.57
CA TYR C 8 -18.49 -0.39 -8.74
C TYR C 8 -18.30 -0.16 -10.23
N PHE C 9 -18.56 1.07 -10.67
CA PHE C 9 -18.54 1.42 -12.08
C PHE C 9 -17.44 2.44 -12.33
N SER C 10 -16.65 2.22 -13.38
CA SER C 10 -15.62 3.16 -13.81
C SER C 10 -15.87 3.56 -15.26
N THR C 11 -15.40 4.76 -15.61
CA THR C 11 -15.61 5.30 -16.95
C THR C 11 -14.43 6.19 -17.31
N SER C 12 -13.58 5.72 -18.21
CA SER C 12 -12.44 6.48 -18.71
C SER C 12 -12.72 6.87 -20.16
N VAL C 13 -12.65 8.15 -20.46
CA VAL C 13 -12.93 8.67 -21.79
C VAL C 13 -11.79 9.59 -22.20
N SER C 14 -11.17 9.30 -23.35
CA SER C 14 -10.05 10.10 -23.82
C SER C 14 -10.53 11.36 -24.52
N ARG C 15 -9.77 12.44 -24.34
CA ARG C 15 -10.08 13.72 -24.99
C ARG C 15 -8.80 14.31 -25.56
N PRO C 16 -8.46 13.97 -26.81
CA PRO C 16 -7.24 14.52 -27.42
C PRO C 16 -7.29 16.03 -27.52
N GLY C 17 -6.13 16.65 -27.31
CA GLY C 17 -6.01 18.08 -27.36
C GLY C 17 -6.60 18.83 -26.18
N ARG C 18 -7.14 18.12 -25.19
CA ARG C 18 -7.75 18.73 -24.02
C ARG C 18 -7.09 18.23 -22.73
N GLY C 19 -5.82 17.85 -22.81
CA GLY C 19 -5.11 17.41 -21.62
C GLY C 19 -5.39 15.95 -21.28
N GLU C 20 -5.27 15.63 -19.99
CA GLU C 20 -5.48 14.27 -19.54
C GLU C 20 -6.95 13.89 -19.69
N PRO C 21 -7.22 12.62 -20.02
CA PRO C 21 -8.62 12.17 -20.15
C PRO C 21 -9.42 12.27 -18.87
N ARG C 22 -10.72 11.97 -18.98
CA ARG C 22 -11.67 12.13 -17.88
C ARG C 22 -11.99 10.77 -17.29
N PHE C 23 -11.74 10.60 -15.99
CA PHE C 23 -12.03 9.37 -15.28
C PHE C 23 -13.19 9.62 -14.32
N ILE C 24 -14.25 8.82 -14.46
CA ILE C 24 -15.42 8.91 -13.61
C ILE C 24 -15.67 7.55 -12.97
N ALA C 25 -15.75 7.52 -11.64
CA ALA C 25 -15.99 6.28 -10.91
C ALA C 25 -17.06 6.50 -9.86
N VAL C 26 -18.05 5.63 -9.83
CA VAL C 26 -19.12 5.68 -8.84
C VAL C 26 -19.25 4.31 -8.19
N GLY C 27 -19.71 4.31 -6.94
CA GLY C 27 -19.93 3.09 -6.19
C GLY C 27 -21.41 2.91 -5.89
N TYR C 28 -21.91 1.72 -6.21
CA TYR C 28 -23.33 1.40 -6.09
C TYR C 28 -23.56 0.26 -5.12
N VAL C 29 -24.50 0.47 -4.21
CA VAL C 29 -25.20 -0.61 -3.55
C VAL C 29 -26.52 -0.78 -4.30
N ASP C 30 -27.26 -1.84 -3.97
CA ASP C 30 -28.27 -2.45 -4.84
C ASP C 30 -28.96 -1.46 -5.79
N ASP C 31 -29.49 -0.36 -5.25
CA ASP C 31 -30.00 0.71 -6.09
C ASP C 31 -29.67 2.09 -5.54
N THR C 32 -28.63 2.21 -4.71
CA THR C 32 -28.29 3.47 -4.07
C THR C 32 -26.81 3.76 -4.25
N GLN C 33 -26.49 4.87 -4.91
CA GLN C 33 -25.12 5.32 -5.00
C GLN C 33 -24.67 5.93 -3.67
N PHE C 34 -23.43 5.65 -3.29
CA PHE C 34 -22.91 6.12 -2.01
C PHE C 34 -21.54 6.80 -2.08
N VAL C 35 -20.75 6.58 -3.13
CA VAL C 35 -19.49 7.27 -3.33
C VAL C 35 -19.37 7.68 -4.79
N ARG C 36 -18.43 8.59 -5.06
CA ARG C 36 -18.15 9.02 -6.42
C ARG C 36 -16.74 9.61 -6.48
N PHE C 37 -16.15 9.57 -7.67
CA PHE C 37 -14.86 10.19 -7.92
C PHE C 37 -14.89 10.85 -9.28
N ASP C 38 -14.42 12.10 -9.35
CA ASP C 38 -14.35 12.86 -10.59
C ASP C 38 -12.91 13.31 -10.78
N SER C 39 -12.29 12.87 -11.88
CA SER C 39 -10.90 13.20 -12.14
C SER C 39 -10.69 14.69 -12.39
N ASP C 40 -11.74 15.42 -12.77
CA ASP C 40 -11.67 16.86 -13.00
C ASP C 40 -12.23 17.65 -11.83
N ALA C 41 -12.43 17.01 -10.68
CA ALA C 41 -12.88 17.71 -9.48
C ALA C 41 -11.68 18.19 -8.67
N ALA C 42 -11.80 19.41 -8.14
CA ALA C 42 -10.70 20.01 -7.39
C ALA C 42 -10.45 19.30 -6.07
N SER C 43 -11.47 18.65 -5.49
CA SER C 43 -11.27 17.96 -4.23
C SER C 43 -10.31 16.78 -4.36
N GLN C 44 -10.41 16.03 -5.47
CA GLN C 44 -9.55 14.88 -5.72
C GLN C 44 -9.66 13.83 -4.63
N ARG C 45 -10.84 13.69 -4.03
CA ARG C 45 -11.09 12.74 -2.95
C ARG C 45 -12.22 11.80 -3.35
N MET C 46 -12.47 10.82 -2.49
CA MET C 46 -13.58 9.88 -2.68
C MET C 46 -14.78 10.40 -1.91
N GLU C 47 -15.45 11.38 -2.51
CA GLU C 47 -16.56 12.04 -1.82
C GLU C 47 -17.73 11.07 -1.66
N PRO C 48 -18.45 11.15 -0.55
CA PRO C 48 -19.62 10.29 -0.35
C PRO C 48 -20.86 10.85 -1.03
N ARG C 49 -21.81 9.96 -1.29
CA ARG C 49 -23.10 10.33 -1.86
C ARG C 49 -24.25 9.63 -1.14
N ALA C 50 -24.10 9.41 0.16
CA ALA C 50 -25.11 8.75 0.97
C ALA C 50 -24.97 9.22 2.41
N PRO C 51 -26.05 9.22 3.19
CA PRO C 51 -25.96 9.66 4.58
C PRO C 51 -25.18 8.70 5.47
N TRP C 52 -25.50 7.40 5.39
CA TRP C 52 -24.97 6.43 6.33
C TRP C 52 -23.48 6.16 6.14
N ILE C 53 -22.91 6.56 4.99
CA ILE C 53 -21.49 6.28 4.75
C ILE C 53 -20.58 7.33 5.36
N GLU C 54 -21.12 8.49 5.76
CA GLU C 54 -20.30 9.54 6.35
C GLU C 54 -19.72 9.17 7.71
N GLN C 55 -20.20 8.07 8.32
CA GLN C 55 -19.70 7.65 9.62
C GLN C 55 -18.26 7.19 9.57
N GLU C 56 -17.76 6.76 8.41
CA GLU C 56 -16.42 6.22 8.31
C GLU C 56 -15.37 7.31 8.56
N GLY C 57 -14.32 6.94 9.30
CA GLY C 57 -13.32 7.88 9.70
C GLY C 57 -12.42 8.30 8.54
N PRO C 58 -11.49 9.21 8.83
CA PRO C 58 -10.59 9.69 7.77
C PRO C 58 -9.73 8.61 7.16
N GLU C 59 -9.38 7.56 7.92
CA GLU C 59 -8.59 6.48 7.38
C GLU C 59 -9.31 5.77 6.23
N TYR C 60 -10.64 5.72 6.30
CA TYR C 60 -11.41 5.14 5.20
C TYR C 60 -11.25 5.95 3.91
N TRP C 61 -11.48 7.27 4.00
CA TRP C 61 -11.40 8.09 2.80
C TRP C 61 -9.97 8.28 2.33
N ASP C 62 -9.00 8.25 3.24
CA ASP C 62 -7.60 8.31 2.83
C ASP C 62 -7.18 7.05 2.09
N GLU C 63 -7.85 5.92 2.36
CA GLU C 63 -7.53 4.67 1.69
C GLU C 63 -8.26 4.54 0.34
N GLU C 64 -9.57 4.78 0.33
CA GLU C 64 -10.34 4.70 -0.91
C GLU C 64 -9.79 5.65 -1.97
N THR C 65 -9.42 6.87 -1.54
CA THR C 65 -8.90 7.85 -2.49
C THR C 65 -7.57 7.40 -3.10
N GLY C 66 -6.70 6.79 -2.28
CA GLY C 66 -5.40 6.38 -2.78
C GLY C 66 -5.46 5.29 -3.84
N LYS C 67 -6.47 4.44 -3.77
CA LYS C 67 -6.62 3.31 -4.68
C LYS C 67 -7.77 3.49 -5.68
N VAL C 68 -8.32 4.69 -5.76
CA VAL C 68 -9.08 5.10 -6.94
C VAL C 68 -8.27 6.04 -7.82
N LYS C 69 -7.39 6.85 -7.22
CA LYS C 69 -6.38 7.55 -8.01
C LYS C 69 -5.34 6.59 -8.57
N ALA C 70 -5.11 5.47 -7.88
CA ALA C 70 -4.33 4.38 -8.44
C ALA C 70 -4.95 3.81 -9.70
N HIS C 71 -6.26 3.97 -9.86
CA HIS C 71 -6.99 3.48 -11.01
C HIS C 71 -6.95 4.49 -12.16
N SER C 72 -7.17 5.77 -11.85
CA SER C 72 -7.12 6.79 -12.89
C SER C 72 -5.78 6.79 -13.59
N GLN C 73 -4.69 6.67 -12.84
CA GLN C 73 -3.37 6.60 -13.44
C GLN C 73 -3.09 5.24 -14.07
N THR C 74 -3.79 4.20 -13.64
CA THR C 74 -3.62 2.89 -14.27
C THR C 74 -4.47 2.76 -15.53
N ASP C 75 -5.67 3.33 -15.52
CA ASP C 75 -6.54 3.22 -16.70
C ASP C 75 -6.19 4.23 -17.78
N ARG C 76 -5.66 5.39 -17.41
CA ARG C 76 -5.11 6.30 -18.42
C ARG C 76 -3.89 5.69 -19.08
N GLU C 77 -2.94 5.21 -18.26
CA GLU C 77 -1.85 4.39 -18.76
C GLU C 77 -2.38 3.28 -19.64
N ASN C 78 -3.53 2.73 -19.27
CA ASN C 78 -4.13 1.62 -20.01
C ASN C 78 -4.72 2.08 -21.35
N LEU C 79 -5.19 3.32 -21.42
CA LEU C 79 -5.82 3.80 -22.64
C LEU C 79 -4.83 3.91 -23.79
N ARG C 80 -3.61 4.38 -23.51
CA ARG C 80 -2.58 4.44 -24.54
C ARG C 80 -2.25 3.04 -25.05
N ILE C 81 -2.14 2.07 -24.14
CA ILE C 81 -1.85 0.70 -24.52
C ILE C 81 -2.98 0.12 -25.36
N ALA C 82 -4.22 0.52 -25.07
CA ALA C 82 -5.35 0.04 -25.85
C ALA C 82 -5.30 0.51 -27.30
N LEU C 83 -4.72 1.69 -27.55
CA LEU C 83 -4.64 2.20 -28.91
C LEU C 83 -3.67 1.37 -29.75
N ARG C 84 -2.42 1.27 -29.30
CA ARG C 84 -1.42 0.50 -30.03
C ARG C 84 -1.75 -0.98 -30.08
N TYR C 85 -2.57 -1.49 -29.15
CA TYR C 85 -3.09 -2.84 -29.28
C TYR C 85 -4.00 -2.95 -30.49
N TYR C 86 -4.88 -1.97 -30.68
CA TYR C 86 -5.80 -1.93 -31.82
C TYR C 86 -5.26 -1.13 -32.99
N ASN C 87 -4.06 -0.55 -32.86
CA ASN C 87 -3.42 0.22 -33.92
C ASN C 87 -4.29 1.40 -34.36
N GLN C 88 -4.98 2.01 -33.39
CA GLN C 88 -5.84 3.14 -33.68
C GLN C 88 -5.03 4.44 -33.66
N SER C 89 -5.71 5.55 -33.92
CA SER C 89 -5.07 6.85 -34.05
C SER C 89 -4.94 7.52 -32.68
N GLU C 90 -3.79 8.15 -32.45
CA GLU C 90 -3.57 8.86 -31.19
C GLU C 90 -4.48 10.07 -31.06
N ALA C 91 -4.87 10.68 -32.18
CA ALA C 91 -5.74 11.85 -32.17
C ALA C 91 -7.22 11.48 -32.12
N GLY C 92 -7.54 10.25 -31.73
CA GLY C 92 -8.93 9.83 -31.62
C GLY C 92 -9.38 9.63 -30.19
N SER C 93 -10.69 9.62 -29.98
CA SER C 93 -11.27 9.48 -28.65
C SER C 93 -11.94 8.12 -28.51
N HIS C 94 -11.79 7.52 -27.33
CA HIS C 94 -12.36 6.21 -27.05
C HIS C 94 -12.74 6.16 -25.58
N THR C 95 -13.53 5.14 -25.22
CA THR C 95 -14.07 4.99 -23.88
C THR C 95 -13.68 3.62 -23.32
N LEU C 96 -13.18 3.61 -22.09
CA LEU C 96 -12.86 2.38 -21.37
C LEU C 96 -13.68 2.35 -20.09
N GLN C 97 -14.42 1.25 -19.91
CA GLN C 97 -15.32 1.09 -18.77
C GLN C 97 -14.92 -0.14 -17.95
N MET C 98 -15.56 -0.27 -16.79
CA MET C 98 -15.26 -1.38 -15.89
C MET C 98 -16.44 -1.58 -14.95
N MET C 99 -16.67 -2.84 -14.57
CA MET C 99 -17.75 -3.18 -13.66
C MET C 99 -17.42 -4.51 -12.97
N PHE C 100 -17.48 -4.53 -11.64
CA PHE C 100 -17.49 -5.79 -10.91
C PHE C 100 -17.83 -5.53 -9.45
N GLY C 101 -18.55 -6.50 -8.87
CA GLY C 101 -18.98 -6.44 -7.49
C GLY C 101 -19.56 -7.77 -7.09
N CYS C 102 -19.84 -7.89 -5.79
CA CYS C 102 -20.29 -9.14 -5.20
C CYS C 102 -21.80 -9.12 -4.96
N ASP C 103 -22.40 -10.30 -5.03
CA ASP C 103 -23.82 -10.49 -4.73
C ASP C 103 -23.94 -11.42 -3.54
N VAL C 104 -24.64 -10.98 -2.50
CA VAL C 104 -24.79 -11.74 -1.27
C VAL C 104 -26.24 -12.17 -1.11
N GLY C 105 -26.44 -13.23 -0.34
CA GLY C 105 -27.76 -13.74 -0.03
C GLY C 105 -28.38 -13.05 1.16
N SER C 106 -29.33 -13.73 1.78
CA SER C 106 -30.02 -13.21 2.95
C SER C 106 -29.24 -13.41 4.25
N ASP C 107 -28.07 -14.04 4.19
CA ASP C 107 -27.25 -14.26 5.37
C ASP C 107 -25.84 -13.70 5.20
N GLY C 108 -25.63 -12.83 4.23
CA GLY C 108 -24.28 -12.41 3.89
C GLY C 108 -23.48 -13.45 3.14
N ARG C 109 -24.13 -14.54 2.72
CA ARG C 109 -23.45 -15.63 2.04
C ARG C 109 -23.17 -15.27 0.59
N PHE C 110 -21.96 -15.60 0.13
CA PHE C 110 -21.57 -15.32 -1.24
C PHE C 110 -22.42 -16.15 -2.21
N LEU C 111 -22.94 -15.49 -3.25
CA LEU C 111 -23.74 -16.17 -4.27
C LEU C 111 -23.06 -16.16 -5.63
N ARG C 112 -22.71 -14.99 -6.15
CA ARG C 112 -22.10 -14.88 -7.46
C ARG C 112 -21.08 -13.75 -7.45
N GLY C 113 -20.22 -13.75 -8.48
CA GLY C 113 -19.23 -12.71 -8.65
C GLY C 113 -18.95 -12.41 -10.11
N TYR C 114 -18.75 -11.13 -10.43
CA TYR C 114 -18.53 -10.69 -11.80
C TYR C 114 -17.23 -9.91 -11.88
N HIS C 115 -16.71 -9.78 -13.09
CA HIS C 115 -15.60 -8.86 -13.40
C HIS C 115 -15.52 -8.68 -14.90
N GLN C 116 -15.77 -7.46 -15.38
CA GLN C 116 -15.82 -7.20 -16.82
C GLN C 116 -15.27 -5.82 -17.12
N TYR C 117 -14.36 -5.75 -18.09
CA TYR C 117 -13.97 -4.51 -18.74
C TYR C 117 -14.67 -4.40 -20.09
N ALA C 118 -14.69 -3.19 -20.64
CA ALA C 118 -15.32 -2.95 -21.92
C ALA C 118 -14.66 -1.77 -22.61
N TYR C 119 -14.24 -1.98 -23.86
CA TYR C 119 -13.60 -0.95 -24.66
C TYR C 119 -14.58 -0.50 -25.73
N ASP C 120 -15.08 0.74 -25.60
CA ASP C 120 -15.99 1.36 -26.57
C ASP C 120 -17.26 0.53 -26.76
N GLY C 121 -18.01 0.39 -25.67
CA GLY C 121 -19.32 -0.22 -25.71
C GLY C 121 -19.34 -1.73 -25.84
N LYS C 122 -18.24 -2.34 -26.28
CA LYS C 122 -18.17 -3.79 -26.45
C LYS C 122 -17.25 -4.40 -25.40
N ASP C 123 -17.54 -5.65 -25.06
CA ASP C 123 -16.75 -6.33 -24.04
C ASP C 123 -15.32 -6.54 -24.50
N TYR C 124 -14.38 -6.45 -23.55
CA TYR C 124 -12.97 -6.67 -23.82
C TYR C 124 -12.45 -7.92 -23.12
N ILE C 125 -12.61 -7.98 -21.79
CA ILE C 125 -12.19 -9.13 -21.00
C ILE C 125 -13.19 -9.32 -19.87
N ALA C 126 -13.26 -10.55 -19.37
CA ALA C 126 -14.21 -10.88 -18.33
C ALA C 126 -13.68 -12.02 -17.47
N LEU C 127 -14.22 -12.13 -16.26
CA LEU C 127 -13.91 -13.20 -15.34
C LEU C 127 -15.07 -14.18 -15.30
N LYS C 128 -14.76 -15.46 -15.47
CA LYS C 128 -15.81 -16.47 -15.48
C LYS C 128 -16.43 -16.64 -14.10
N GLU C 129 -17.50 -17.43 -14.03
CA GLU C 129 -18.24 -17.58 -12.79
C GLU C 129 -17.38 -18.24 -11.71
N ASP C 130 -16.44 -19.09 -12.09
CA ASP C 130 -15.55 -19.72 -11.12
C ASP C 130 -14.57 -18.75 -10.49
N LEU C 131 -14.46 -17.52 -11.02
CA LEU C 131 -13.59 -16.47 -10.50
C LEU C 131 -12.12 -16.85 -10.56
N ARG C 132 -11.74 -17.76 -11.46
CA ARG C 132 -10.34 -18.13 -11.60
C ARG C 132 -9.89 -18.24 -13.04
N SER C 133 -10.75 -17.93 -14.01
CA SER C 133 -10.40 -18.04 -15.43
C SER C 133 -10.97 -16.86 -16.20
N TRP C 134 -10.21 -16.40 -17.19
CA TRP C 134 -10.58 -15.24 -17.98
C TRP C 134 -11.19 -15.65 -19.32
N THR C 135 -11.86 -14.70 -19.96
CA THR C 135 -12.48 -14.90 -21.27
C THR C 135 -12.27 -13.63 -22.08
N ALA C 136 -11.21 -13.61 -22.90
CA ALA C 136 -10.91 -12.47 -23.74
C ALA C 136 -11.83 -12.44 -24.94
N ALA C 137 -12.28 -11.23 -25.31
CA ALA C 137 -13.24 -11.09 -26.39
C ALA C 137 -12.58 -11.21 -27.76
N ASP C 138 -11.43 -10.58 -27.96
CA ASP C 138 -10.76 -10.56 -29.26
C ASP C 138 -9.27 -10.78 -29.06
N MET C 139 -8.54 -10.84 -30.18
CA MET C 139 -7.12 -11.15 -30.13
C MET C 139 -6.34 -10.07 -29.38
N ALA C 140 -6.73 -8.81 -29.52
CA ALA C 140 -6.10 -7.74 -28.78
C ALA C 140 -6.33 -7.85 -27.28
N ALA C 141 -7.29 -8.67 -26.85
CA ALA C 141 -7.53 -8.91 -25.43
C ALA C 141 -6.82 -10.17 -24.92
N GLN C 142 -6.65 -11.18 -25.77
CA GLN C 142 -5.82 -12.32 -25.39
C GLN C 142 -4.37 -11.91 -25.16
N ILE C 143 -3.94 -10.79 -25.75
CA ILE C 143 -2.66 -10.21 -25.38
C ILE C 143 -2.67 -9.85 -23.90
N THR C 144 -3.72 -9.15 -23.47
CA THR C 144 -3.87 -8.80 -22.07
C THR C 144 -4.23 -10.03 -21.23
N LYS C 145 -5.05 -10.93 -21.78
CA LYS C 145 -5.43 -12.12 -21.03
C LYS C 145 -4.18 -12.90 -20.61
N ARG C 146 -3.26 -13.13 -21.54
CA ARG C 146 -2.03 -13.85 -21.22
C ARG C 146 -1.13 -13.06 -20.27
N LYS C 147 -1.35 -11.75 -20.10
CA LYS C 147 -0.63 -11.02 -19.06
C LYS C 147 -1.18 -11.36 -17.68
N TRP C 148 -2.51 -11.34 -17.54
CA TRP C 148 -3.18 -11.70 -16.31
C TRP C 148 -3.28 -13.20 -16.08
N GLU C 149 -2.57 -14.00 -16.89
CA GLU C 149 -2.37 -15.43 -16.64
C GLU C 149 -1.02 -15.72 -16.04
N ALA C 150 0.03 -15.05 -16.53
CA ALA C 150 1.33 -15.15 -15.87
C ALA C 150 1.27 -14.60 -14.45
N ALA C 151 0.64 -13.45 -14.29
CA ALA C 151 0.31 -12.93 -12.97
C ALA C 151 -1.07 -13.45 -12.56
N HIS C 152 -1.14 -14.02 -11.36
CA HIS C 152 -2.36 -14.69 -10.90
C HIS C 152 -3.41 -13.66 -10.45
N VAL C 153 -3.85 -12.86 -11.42
CA VAL C 153 -4.78 -11.77 -11.13
C VAL C 153 -6.11 -12.32 -10.66
N ALA C 154 -6.54 -13.45 -11.23
CA ALA C 154 -7.83 -14.02 -10.86
C ALA C 154 -7.87 -14.42 -9.39
N GLU C 155 -6.77 -14.95 -8.87
CA GLU C 155 -6.73 -15.36 -7.47
C GLU C 155 -6.70 -14.18 -6.50
N GLN C 156 -6.48 -12.96 -7.00
CA GLN C 156 -6.57 -11.77 -6.17
C GLN C 156 -7.96 -11.13 -6.25
N GLN C 157 -8.51 -10.99 -7.46
CA GLN C 157 -9.85 -10.45 -7.60
C GLN C 157 -10.88 -11.36 -6.93
N ARG C 158 -10.71 -12.67 -7.08
CA ARG C 158 -11.56 -13.62 -6.37
C ARG C 158 -11.43 -13.45 -4.86
N ALA C 159 -10.20 -13.29 -4.37
CA ALA C 159 -9.98 -13.02 -2.95
C ALA C 159 -10.63 -11.70 -2.53
N TYR C 160 -10.88 -10.80 -3.47
CA TYR C 160 -11.59 -9.57 -3.16
C TYR C 160 -13.10 -9.80 -3.12
N LEU C 161 -13.67 -10.38 -4.17
CA LEU C 161 -15.11 -10.58 -4.22
C LEU C 161 -15.58 -11.55 -3.15
N GLU C 162 -14.84 -12.66 -2.96
CA GLU C 162 -15.19 -13.59 -1.88
C GLU C 162 -14.89 -12.99 -0.52
N GLY C 163 -13.91 -12.11 -0.43
CA GLY C 163 -13.48 -11.54 0.84
C GLY C 163 -13.89 -10.10 1.04
N THR C 164 -12.95 -9.19 0.75
CA THR C 164 -13.11 -7.75 0.97
C THR C 164 -14.48 -7.22 0.54
N CYS C 165 -14.98 -7.69 -0.61
CA CYS C 165 -16.27 -7.21 -1.09
C CYS C 165 -17.40 -7.64 -0.15
N VAL C 166 -17.46 -8.93 0.19
CA VAL C 166 -18.55 -9.44 1.01
C VAL C 166 -18.42 -8.96 2.44
N ASP C 167 -17.22 -9.11 3.02
CA ASP C 167 -17.02 -8.73 4.42
C ASP C 167 -17.21 -7.24 4.64
N GLY C 168 -16.97 -6.43 3.62
CA GLY C 168 -17.21 -5.00 3.72
C GLY C 168 -18.63 -4.60 3.42
N LEU C 169 -19.33 -5.40 2.61
CA LEU C 169 -20.69 -5.05 2.22
C LEU C 169 -21.66 -5.18 3.39
N ARG C 170 -21.51 -6.24 4.20
CA ARG C 170 -22.37 -6.41 5.36
C ARG C 170 -22.20 -5.25 6.35
N ARG C 171 -21.02 -4.61 6.35
CA ARG C 171 -20.83 -3.41 7.14
C ARG C 171 -21.69 -2.26 6.62
N TYR C 172 -21.88 -2.18 5.29
CA TYR C 172 -22.70 -1.11 4.74
C TYR C 172 -24.18 -1.35 5.01
N LEU C 173 -24.63 -2.61 4.92
CA LEU C 173 -26.03 -2.92 5.20
C LEU C 173 -26.38 -2.66 6.66
N GLU C 174 -25.44 -2.92 7.57
CA GLU C 174 -25.68 -2.67 8.99
C GLU C 174 -25.66 -1.17 9.29
N ASN C 175 -24.75 -0.43 8.65
CA ASN C 175 -24.64 1.00 8.90
C ASN C 175 -25.84 1.78 8.38
N GLY C 176 -26.59 1.23 7.43
CA GLY C 176 -27.73 1.93 6.86
C GLY C 176 -28.99 1.07 6.84
N LYS C 177 -29.20 0.29 7.90
CA LYS C 177 -30.33 -0.64 7.94
C LYS C 177 -31.67 0.05 7.81
N GLU C 178 -31.76 1.35 8.13
CA GLU C 178 -33.01 2.07 8.00
C GLU C 178 -33.32 2.46 6.57
N THR C 179 -32.35 2.39 5.66
CA THR C 179 -32.55 2.81 4.27
C THR C 179 -32.42 1.65 3.29
N LEU C 180 -31.29 0.93 3.31
CA LEU C 180 -31.04 -0.09 2.30
C LEU C 180 -31.82 -1.38 2.54
N GLN C 181 -32.26 -1.64 3.77
CA GLN C 181 -32.90 -2.90 4.09
C GLN C 181 -34.43 -2.84 4.03
N ARG C 182 -35.01 -1.64 4.05
CA ARG C 182 -36.46 -1.49 4.01
C ARG C 182 -36.90 -1.16 2.60
N THR C 183 -37.91 -1.88 2.10
CA THR C 183 -38.41 -1.72 0.74
C THR C 183 -39.74 -0.98 0.78
N ASP C 184 -39.79 0.18 0.13
CA ASP C 184 -41.02 0.95 0.06
C ASP C 184 -41.99 0.34 -0.95
N PRO C 185 -43.29 0.38 -0.69
CA PRO C 185 -44.26 -0.16 -1.64
C PRO C 185 -44.61 0.87 -2.70
N PRO C 186 -45.12 0.43 -3.86
CA PRO C 186 -45.52 1.37 -4.91
C PRO C 186 -46.90 1.95 -4.63
N LYS C 187 -47.00 3.28 -4.77
CA LYS C 187 -48.28 3.98 -4.69
C LYS C 187 -48.93 3.95 -6.07
N THR C 188 -50.13 3.39 -6.16
CA THR C 188 -50.77 3.10 -7.44
C THR C 188 -52.06 3.89 -7.60
N HIS C 189 -52.33 4.32 -8.83
CA HIS C 189 -53.58 4.94 -9.23
C HIS C 189 -53.61 4.96 -10.76
N MET C 190 -54.79 5.24 -11.30
CA MET C 190 -55.01 5.19 -12.73
C MET C 190 -55.55 6.53 -13.24
N THR C 191 -55.19 6.87 -14.46
CA THR C 191 -55.61 8.10 -15.12
C THR C 191 -56.50 7.78 -16.33
N HIS C 192 -56.86 8.83 -17.06
CA HIS C 192 -57.75 8.67 -18.21
C HIS C 192 -57.57 9.88 -19.13
N HIS C 193 -57.28 9.60 -20.40
CA HIS C 193 -57.08 10.66 -21.40
C HIS C 193 -57.80 10.32 -22.69
N PRO C 194 -58.68 11.19 -23.18
CA PRO C 194 -59.36 10.94 -24.46
C PRO C 194 -58.62 11.57 -25.63
N ILE C 195 -58.83 10.98 -26.81
CA ILE C 195 -58.25 11.50 -28.04
C ILE C 195 -59.36 11.76 -29.06
N SER C 196 -60.11 10.72 -29.42
CA SER C 196 -61.18 10.83 -30.39
C SER C 196 -62.53 10.94 -29.67
N ASP C 197 -63.60 10.96 -30.46
CA ASP C 197 -64.94 11.01 -29.88
C ASP C 197 -65.33 9.71 -29.21
N HIS C 198 -64.65 8.61 -29.52
CA HIS C 198 -64.88 7.34 -28.85
C HIS C 198 -63.60 6.62 -28.45
N GLU C 199 -62.43 7.07 -28.88
CA GLU C 199 -61.17 6.46 -28.48
C GLU C 199 -60.59 7.22 -27.29
N ALA C 200 -60.20 6.47 -26.26
CA ALA C 200 -59.60 7.03 -25.06
C ALA C 200 -58.31 6.29 -24.75
N THR C 201 -57.46 6.91 -23.93
CA THR C 201 -56.16 6.37 -23.58
C THR C 201 -56.09 6.23 -22.06
N LEU C 202 -56.12 5.00 -21.58
CA LEU C 202 -55.91 4.73 -20.17
C LEU C 202 -54.40 4.68 -19.86
N ARG C 203 -54.08 4.75 -18.57
CA ARG C 203 -52.68 4.75 -18.16
C ARG C 203 -52.59 4.34 -16.70
N CYS C 204 -51.89 3.23 -16.44
CA CYS C 204 -51.70 2.73 -15.09
C CYS C 204 -50.41 3.31 -14.52
N TRP C 205 -50.51 3.87 -13.31
CA TRP C 205 -49.39 4.57 -12.69
C TRP C 205 -48.94 3.84 -11.42
N ALA C 206 -47.64 3.93 -11.15
CA ALA C 206 -47.06 3.37 -9.93
C ALA C 206 -45.79 4.14 -9.64
N LEU C 207 -45.86 5.08 -8.69
CA LEU C 207 -44.75 5.95 -8.35
C LEU C 207 -44.20 5.57 -6.98
N GLY C 208 -42.97 6.02 -6.72
CA GLY C 208 -42.38 5.95 -5.40
C GLY C 208 -42.27 4.58 -4.78
N PHE C 209 -41.43 3.71 -5.33
CA PHE C 209 -41.21 2.39 -4.76
C PHE C 209 -39.72 2.08 -4.73
N TYR C 210 -39.40 0.91 -4.18
CA TYR C 210 -38.03 0.44 -3.99
C TYR C 210 -38.09 -1.07 -3.77
N PRO C 211 -37.32 -1.87 -4.54
CA PRO C 211 -36.38 -1.50 -5.60
C PRO C 211 -37.02 -1.26 -6.97
N ALA C 212 -36.19 -1.29 -8.02
CA ALA C 212 -36.66 -0.93 -9.35
C ALA C 212 -37.38 -2.07 -10.07
N GLU C 213 -37.08 -3.33 -9.71
CA GLU C 213 -37.65 -4.47 -10.41
C GLU C 213 -39.14 -4.54 -10.15
N ILE C 214 -39.95 -4.30 -11.18
CA ILE C 214 -41.40 -4.33 -11.10
C ILE C 214 -41.95 -4.75 -12.46
N THR C 215 -43.23 -5.09 -12.51
CA THR C 215 -43.87 -5.52 -13.74
C THR C 215 -45.27 -4.93 -13.80
N LEU C 216 -45.55 -4.17 -14.86
CA LEU C 216 -46.88 -3.62 -15.12
C LEU C 216 -47.50 -4.39 -16.26
N THR C 217 -48.71 -4.90 -16.04
CA THR C 217 -49.39 -5.77 -17.00
C THR C 217 -50.78 -5.23 -17.28
N TRP C 218 -51.02 -4.87 -18.54
CA TRP C 218 -52.35 -4.42 -18.99
C TRP C 218 -53.06 -5.62 -19.59
N GLN C 219 -54.00 -6.20 -18.84
CA GLN C 219 -54.80 -7.31 -19.33
C GLN C 219 -56.07 -6.80 -19.98
N ARG C 220 -56.89 -7.74 -20.48
CA ARG C 220 -58.19 -7.40 -21.04
C ARG C 220 -59.08 -8.64 -20.92
N ASP C 221 -59.97 -8.63 -19.92
CA ASP C 221 -60.92 -9.71 -19.68
C ASP C 221 -60.21 -11.04 -19.44
N GLY C 222 -59.37 -11.05 -18.40
CA GLY C 222 -58.66 -12.26 -18.03
C GLY C 222 -57.64 -12.75 -19.03
N GLU C 223 -57.30 -11.96 -20.03
CA GLU C 223 -56.32 -12.33 -21.04
C GLU C 223 -55.36 -11.17 -21.24
N ASP C 224 -54.06 -11.44 -21.14
CA ASP C 224 -53.07 -10.39 -21.26
C ASP C 224 -53.05 -9.81 -22.67
N GLN C 225 -52.47 -8.62 -22.79
CA GLN C 225 -52.47 -7.89 -24.05
C GLN C 225 -51.14 -7.17 -24.23
N THR C 226 -50.67 -7.12 -25.48
CA THR C 226 -49.49 -6.34 -25.85
C THR C 226 -49.74 -5.38 -27.01
N GLN C 227 -50.78 -5.60 -27.81
CA GLN C 227 -51.08 -4.70 -28.91
C GLN C 227 -51.54 -3.35 -28.38
N ASP C 228 -51.00 -2.28 -28.95
CA ASP C 228 -51.35 -0.91 -28.58
C ASP C 228 -51.13 -0.66 -27.09
N THR C 229 -50.02 -1.16 -26.55
CA THR C 229 -49.67 -1.01 -25.14
C THR C 229 -48.33 -0.28 -25.06
N GLU C 230 -48.38 1.04 -24.99
CA GLU C 230 -47.16 1.83 -24.82
C GLU C 230 -46.59 1.61 -23.43
N LEU C 231 -45.29 1.35 -23.36
CA LEU C 231 -44.63 1.03 -22.09
C LEU C 231 -43.26 1.67 -22.09
N VAL C 232 -42.99 2.49 -21.07
CA VAL C 232 -41.71 3.16 -20.91
C VAL C 232 -40.90 2.42 -19.86
N GLU C 233 -39.58 2.48 -19.98
CA GLU C 233 -38.70 1.84 -19.03
C GLU C 233 -38.75 2.55 -17.68
N THR C 234 -38.48 1.79 -16.62
CA THR C 234 -38.51 2.35 -15.28
C THR C 234 -37.48 3.45 -15.12
N ARG C 235 -37.88 4.54 -14.49
CA ARG C 235 -37.09 5.75 -14.36
C ARG C 235 -36.91 6.11 -12.89
N PRO C 236 -35.85 6.83 -12.54
CA PRO C 236 -35.69 7.31 -11.16
C PRO C 236 -36.60 8.50 -10.88
N ALA C 237 -36.66 8.87 -9.60
CA ALA C 237 -37.48 9.98 -9.14
C ALA C 237 -36.65 11.18 -8.68
N GLY C 238 -35.68 10.95 -7.81
CA GLY C 238 -34.87 12.04 -7.28
C GLY C 238 -34.64 11.90 -5.80
N ASP C 239 -35.56 11.25 -5.10
CA ASP C 239 -35.43 10.99 -3.67
C ASP C 239 -34.84 9.63 -3.36
N GLY C 240 -34.83 8.71 -4.33
CA GLY C 240 -34.39 7.36 -4.10
C GLY C 240 -35.46 6.34 -4.45
N THR C 241 -36.44 6.76 -5.23
CA THR C 241 -37.54 5.91 -5.67
C THR C 241 -37.58 5.88 -7.19
N PHE C 242 -38.47 5.04 -7.72
CA PHE C 242 -38.56 4.80 -9.15
C PHE C 242 -40.00 4.85 -9.62
N GLN C 243 -40.21 5.38 -10.82
CA GLN C 243 -41.53 5.54 -11.41
C GLN C 243 -41.64 4.72 -12.69
N LYS C 244 -42.88 4.36 -13.04
CA LYS C 244 -43.15 3.57 -14.23
C LYS C 244 -44.64 3.61 -14.58
N TRP C 245 -44.96 3.81 -15.86
CA TRP C 245 -46.35 3.80 -16.30
C TRP C 245 -46.49 2.88 -17.51
N ALA C 246 -47.71 2.40 -17.72
CA ALA C 246 -48.06 1.60 -18.89
C ALA C 246 -49.40 2.09 -19.43
N ALA C 247 -49.43 2.40 -20.72
CA ALA C 247 -50.61 2.99 -21.35
C ALA C 247 -51.29 1.99 -22.27
N VAL C 248 -52.52 2.33 -22.65
CA VAL C 248 -53.32 1.49 -23.55
C VAL C 248 -54.43 2.37 -24.13
N VAL C 249 -54.71 2.18 -25.42
CA VAL C 249 -55.76 2.91 -26.13
C VAL C 249 -57.01 2.05 -26.15
N VAL C 250 -58.14 2.64 -25.76
CA VAL C 250 -59.38 1.90 -25.61
C VAL C 250 -60.50 2.64 -26.34
N PRO C 251 -61.54 1.92 -26.76
CA PRO C 251 -62.75 2.59 -27.26
C PRO C 251 -63.73 2.89 -26.14
N SER C 252 -64.55 3.91 -26.36
CA SER C 252 -65.53 4.33 -25.37
C SER C 252 -66.61 3.26 -25.22
N GLY C 253 -66.73 2.71 -24.02
CA GLY C 253 -67.71 1.68 -23.75
C GLY C 253 -67.10 0.43 -23.13
N GLU C 254 -65.83 0.18 -23.43
CA GLU C 254 -65.14 -1.01 -22.97
C GLU C 254 -64.18 -0.74 -21.81
N GLU C 255 -64.15 0.49 -21.30
CA GLU C 255 -63.20 0.82 -20.24
C GLU C 255 -63.42 -0.04 -18.99
N GLN C 256 -64.66 -0.48 -18.76
CA GLN C 256 -64.95 -1.33 -17.61
C GLN C 256 -64.45 -2.76 -17.80
N ARG C 257 -63.98 -3.11 -18.99
CA ARG C 257 -63.45 -4.45 -19.24
C ARG C 257 -61.97 -4.59 -18.89
N TYR C 258 -61.19 -3.53 -19.08
CA TYR C 258 -59.74 -3.62 -18.93
C TYR C 258 -59.36 -3.68 -17.44
N THR C 259 -58.17 -4.22 -17.20
CA THR C 259 -57.63 -4.34 -15.85
C THR C 259 -56.13 -4.09 -15.88
N CYS C 260 -55.59 -3.59 -14.77
CA CYS C 260 -54.16 -3.37 -14.60
C CYS C 260 -53.69 -4.12 -13.36
N HIS C 261 -52.46 -4.63 -13.43
CA HIS C 261 -51.87 -5.41 -12.35
C HIS C 261 -50.48 -4.88 -12.04
N VAL C 262 -50.16 -4.79 -10.76
CA VAL C 262 -48.86 -4.32 -10.29
C VAL C 262 -48.28 -5.41 -9.39
N GLN C 263 -47.22 -6.08 -9.86
CA GLN C 263 -46.54 -7.13 -9.12
C GLN C 263 -45.22 -6.58 -8.60
N HIS C 264 -45.09 -6.50 -7.29
CA HIS C 264 -43.90 -5.94 -6.66
C HIS C 264 -43.64 -6.68 -5.35
N GLU C 265 -42.55 -6.32 -4.68
CA GLU C 265 -42.17 -6.99 -3.44
C GLU C 265 -42.89 -6.37 -2.24
N GLY C 266 -42.92 -5.04 -2.16
CA GLY C 266 -43.51 -4.36 -1.02
C GLY C 266 -44.98 -4.64 -0.82
N LEU C 267 -45.66 -5.12 -1.86
CA LEU C 267 -47.06 -5.51 -1.75
C LEU C 267 -47.13 -7.01 -1.56
N PRO C 268 -47.52 -7.52 -0.39
CA PRO C 268 -47.67 -8.98 -0.24
C PRO C 268 -48.99 -9.45 -0.82
N LYS C 269 -49.33 -8.94 -1.99
CA LYS C 269 -50.47 -9.31 -2.82
C LYS C 269 -50.39 -8.50 -4.10
N PRO C 270 -50.50 -9.14 -5.27
CA PRO C 270 -50.50 -8.38 -6.53
C PRO C 270 -51.82 -7.65 -6.73
N LEU C 271 -51.77 -6.32 -6.73
CA LEU C 271 -52.97 -5.52 -6.89
C LEU C 271 -53.56 -5.70 -8.29
N THR C 272 -54.88 -5.53 -8.38
CA THR C 272 -55.62 -5.63 -9.64
C THR C 272 -56.52 -4.41 -9.75
N LEU C 273 -56.07 -3.40 -10.48
CA LEU C 273 -56.81 -2.16 -10.61
C LEU C 273 -57.96 -2.32 -11.61
N ARG C 274 -58.82 -1.32 -11.63
CA ARG C 274 -59.96 -1.28 -12.56
C ARG C 274 -60.38 0.17 -12.72
N TRP C 275 -61.45 0.39 -13.48
CA TRP C 275 -61.93 1.73 -13.76
C TRP C 275 -63.41 1.87 -13.45
N ILE D 2 -19.05 1.53 -31.91
CA ILE D 2 -20.51 1.53 -32.03
C ILE D 2 -21.09 2.77 -31.36
N GLN D 3 -22.39 2.99 -31.56
CA GLN D 3 -23.07 4.13 -30.98
C GLN D 3 -24.49 3.73 -30.61
N ARG D 4 -25.05 4.44 -29.63
CA ARG D 4 -26.42 4.22 -29.18
C ARG D 4 -27.16 5.54 -29.09
N THR D 5 -28.49 5.46 -29.18
CA THR D 5 -29.37 6.62 -29.21
C THR D 5 -29.92 6.91 -27.81
N PRO D 6 -29.85 8.15 -27.33
CA PRO D 6 -30.34 8.45 -25.98
C PRO D 6 -31.85 8.45 -25.91
N LYS D 7 -32.39 7.68 -24.96
CA LYS D 7 -33.81 7.71 -24.66
C LYS D 7 -34.07 8.71 -23.55
N ILE D 8 -35.04 9.59 -23.75
CA ILE D 8 -35.28 10.74 -22.88
C ILE D 8 -36.68 10.67 -22.30
N GLN D 9 -36.80 10.82 -20.99
CA GLN D 9 -38.07 10.93 -20.30
C GLN D 9 -38.09 12.22 -19.49
N VAL D 10 -39.18 12.97 -19.57
CA VAL D 10 -39.36 14.20 -18.84
C VAL D 10 -40.60 14.05 -17.97
N TYR D 11 -40.46 14.34 -16.68
CA TYR D 11 -41.51 14.06 -15.70
C TYR D 11 -41.19 14.81 -14.42
N SER D 12 -42.08 14.69 -13.44
CA SER D 12 -41.92 15.31 -12.13
C SER D 12 -41.73 14.23 -11.08
N ARG D 13 -41.02 14.61 -10.00
CA ARG D 13 -40.81 13.68 -8.89
C ARG D 13 -42.11 13.31 -8.18
N HIS D 14 -43.13 14.17 -8.27
CA HIS D 14 -44.42 13.95 -7.62
C HIS D 14 -45.56 14.25 -8.59
N PRO D 15 -46.80 13.88 -8.28
CA PRO D 15 -47.93 14.36 -9.10
C PRO D 15 -47.99 15.87 -9.11
N ALA D 16 -48.44 16.42 -10.24
CA ALA D 16 -48.42 17.85 -10.46
C ALA D 16 -49.51 18.53 -9.65
N GLU D 17 -49.11 19.46 -8.78
CA GLU D 17 -50.02 20.32 -8.04
C GLU D 17 -49.57 21.76 -8.23
N ASN D 18 -50.43 22.57 -8.85
CA ASN D 18 -50.03 23.92 -9.25
C ASN D 18 -49.69 24.78 -8.05
N GLY D 19 -48.63 25.59 -8.19
CA GLY D 19 -48.23 26.52 -7.16
C GLY D 19 -47.37 25.95 -6.06
N LYS D 20 -47.23 24.63 -5.98
CA LYS D 20 -46.47 23.98 -4.93
C LYS D 20 -45.12 23.54 -5.45
N SER D 21 -44.12 23.59 -4.57
CA SER D 21 -42.76 23.25 -4.96
C SER D 21 -42.66 21.79 -5.35
N ASN D 22 -41.95 21.52 -6.45
CA ASN D 22 -41.80 20.17 -6.97
C ASN D 22 -40.40 20.06 -7.58
N PHE D 23 -40.17 18.97 -8.32
CA PHE D 23 -38.88 18.74 -8.96
C PHE D 23 -39.10 18.15 -10.34
N LEU D 24 -38.39 18.70 -11.33
CA LEU D 24 -38.47 18.25 -12.72
C LEU D 24 -37.30 17.33 -13.01
N ASN D 25 -37.53 16.31 -13.84
CA ASN D 25 -36.51 15.31 -14.14
C ASN D 25 -36.37 15.13 -15.64
N CYS D 26 -35.16 14.76 -16.05
CA CYS D 26 -34.86 14.41 -17.44
C CYS D 26 -33.91 13.21 -17.42
N TYR D 27 -34.41 12.05 -17.83
CA TYR D 27 -33.68 10.80 -17.74
C TYR D 27 -33.16 10.40 -19.12
N VAL D 28 -31.86 10.60 -19.34
CA VAL D 28 -31.21 10.19 -20.59
C VAL D 28 -30.62 8.80 -20.34
N SER D 29 -31.34 7.77 -20.77
CA SER D 29 -30.98 6.40 -20.49
C SER D 29 -30.50 5.70 -21.77
N GLY D 30 -29.72 4.63 -21.57
CA GLY D 30 -29.34 3.73 -22.64
C GLY D 30 -28.68 4.39 -23.84
N PHE D 31 -27.64 5.17 -23.61
CA PHE D 31 -26.96 5.87 -24.69
C PHE D 31 -25.46 5.64 -24.63
N HIS D 32 -24.81 5.95 -25.75
CA HIS D 32 -23.37 5.78 -25.95
C HIS D 32 -22.97 6.58 -27.18
N PRO D 33 -21.84 7.29 -27.16
CA PRO D 33 -20.82 7.38 -26.11
C PRO D 33 -21.18 8.27 -24.91
N SER D 34 -20.16 8.64 -24.14
CA SER D 34 -20.37 9.34 -22.88
C SER D 34 -20.75 10.80 -23.08
N ASP D 35 -20.09 11.49 -23.99
CA ASP D 35 -20.26 12.94 -24.13
C ASP D 35 -21.71 13.29 -24.46
N ILE D 36 -22.37 13.99 -23.55
CA ILE D 36 -23.76 14.37 -23.72
C ILE D 36 -23.97 15.74 -23.08
N GLU D 37 -24.74 16.59 -23.74
CA GLU D 37 -25.04 17.93 -23.27
C GLU D 37 -26.55 18.03 -23.04
N VAL D 38 -26.96 18.15 -21.78
CA VAL D 38 -28.36 18.19 -21.39
C VAL D 38 -28.64 19.53 -20.73
N ASP D 39 -29.68 20.21 -21.20
CA ASP D 39 -30.09 21.48 -20.65
C ASP D 39 -31.57 21.43 -20.28
N LEU D 40 -31.93 22.16 -19.24
CA LEU D 40 -33.32 22.29 -18.80
C LEU D 40 -33.82 23.68 -19.16
N LEU D 41 -35.01 23.74 -19.74
CA LEU D 41 -35.55 24.97 -20.29
C LEU D 41 -36.83 25.38 -19.58
N LYS D 42 -36.95 26.67 -19.29
CA LYS D 42 -38.17 27.27 -18.76
C LYS D 42 -38.70 28.23 -19.82
N ASN D 43 -39.68 27.78 -20.59
CA ASN D 43 -40.28 28.54 -21.68
C ASN D 43 -39.27 28.92 -22.76
N GLY D 44 -38.14 28.21 -22.82
CA GLY D 44 -37.10 28.47 -23.80
C GLY D 44 -35.80 28.99 -23.22
N GLU D 45 -35.79 29.41 -21.96
CA GLU D 45 -34.59 29.92 -21.32
C GLU D 45 -33.95 28.84 -20.47
N ARG D 46 -32.62 28.81 -20.46
CA ARG D 46 -31.90 27.78 -19.72
C ARG D 46 -32.05 28.00 -18.22
N ILE D 47 -32.45 26.95 -17.50
CA ILE D 47 -32.50 27.02 -16.05
C ILE D 47 -31.07 27.00 -15.51
N GLU D 48 -30.75 28.01 -14.69
CA GLU D 48 -29.35 28.23 -14.30
C GLU D 48 -28.89 27.22 -13.25
N LYS D 49 -29.76 26.87 -12.29
CA LYS D 49 -29.40 25.96 -11.20
C LYS D 49 -29.94 24.58 -11.52
N VAL D 50 -29.12 23.77 -12.20
CA VAL D 50 -29.47 22.40 -12.54
C VAL D 50 -28.34 21.49 -12.04
N GLU D 51 -28.67 20.58 -11.13
CA GLU D 51 -27.72 19.61 -10.61
C GLU D 51 -27.99 18.26 -11.27
N HIS D 52 -26.95 17.69 -11.87
CA HIS D 52 -27.06 16.44 -12.60
C HIS D 52 -26.57 15.27 -11.75
N SER D 53 -26.93 14.06 -12.18
CA SER D 53 -26.53 12.85 -11.49
C SER D 53 -25.06 12.53 -11.77
N ASP D 54 -24.60 11.42 -11.23
CA ASP D 54 -23.24 10.96 -11.44
C ASP D 54 -23.23 9.87 -12.50
N LEU D 55 -22.20 9.86 -13.33
CA LEU D 55 -22.18 9.02 -14.52
C LEU D 55 -22.08 7.54 -14.14
N SER D 56 -22.98 6.74 -14.70
CA SER D 56 -23.00 5.30 -14.52
C SER D 56 -23.37 4.67 -15.86
N PHE D 57 -23.68 3.38 -15.85
CA PHE D 57 -24.12 2.71 -17.07
C PHE D 57 -24.91 1.46 -16.70
N SER D 58 -25.69 0.98 -17.68
CA SER D 58 -26.52 -0.20 -17.50
C SER D 58 -25.70 -1.46 -17.80
N LYS D 59 -26.38 -2.60 -17.91
CA LYS D 59 -25.70 -3.86 -18.21
C LYS D 59 -25.08 -3.85 -19.60
N ASP D 60 -25.73 -3.21 -20.57
CA ASP D 60 -25.25 -3.15 -21.94
C ASP D 60 -24.20 -2.07 -22.17
N TRP D 61 -23.55 -1.60 -21.09
CA TRP D 61 -22.52 -0.55 -21.17
C TRP D 61 -23.09 0.73 -21.78
N SER D 62 -24.34 1.03 -21.44
CA SER D 62 -25.02 2.23 -21.91
C SER D 62 -25.28 3.14 -20.72
N PHE D 63 -24.79 4.37 -20.78
CA PHE D 63 -24.87 5.28 -19.66
C PHE D 63 -26.30 5.74 -19.39
N TYR D 64 -26.55 6.16 -18.15
CA TYR D 64 -27.80 6.81 -17.80
C TYR D 64 -27.50 7.96 -16.85
N LEU D 65 -28.28 9.03 -16.97
CA LEU D 65 -28.09 10.23 -16.16
C LEU D 65 -29.46 10.81 -15.80
N LEU D 66 -29.48 11.55 -14.70
CA LEU D 66 -30.69 12.24 -14.24
C LEU D 66 -30.36 13.70 -13.95
N TYR D 67 -31.13 14.60 -14.56
CA TYR D 67 -30.97 16.04 -14.37
C TYR D 67 -32.23 16.57 -13.68
N TYR D 68 -32.04 17.24 -12.55
CA TYR D 68 -33.17 17.75 -11.79
C TYR D 68 -32.90 19.18 -11.34
N THR D 69 -33.99 19.89 -11.08
CA THR D 69 -33.94 21.23 -10.51
C THR D 69 -35.21 21.47 -9.70
N GLU D 70 -35.13 22.40 -8.75
CA GLU D 70 -36.25 22.71 -7.87
C GLU D 70 -37.13 23.75 -8.58
N PHE D 71 -38.24 23.29 -9.14
CA PHE D 71 -39.14 24.14 -9.90
C PHE D 71 -40.52 24.17 -9.25
N THR D 72 -41.27 25.22 -9.56
CA THR D 72 -42.64 25.38 -9.07
C THR D 72 -43.55 25.58 -10.27
N PRO D 73 -44.46 24.66 -10.55
CA PRO D 73 -45.25 24.72 -11.79
C PRO D 73 -46.47 25.62 -11.67
N THR D 74 -46.90 26.11 -12.84
CA THR D 74 -48.17 26.82 -12.98
C THR D 74 -48.98 26.15 -14.09
N GLU D 75 -50.09 26.76 -14.49
CA GLU D 75 -50.93 26.18 -15.53
C GLU D 75 -50.54 26.61 -16.94
N LYS D 76 -49.62 27.57 -17.08
CA LYS D 76 -49.18 28.02 -18.40
C LYS D 76 -47.69 27.94 -18.62
N ASP D 77 -46.88 27.76 -17.58
CA ASP D 77 -45.43 27.66 -17.77
C ASP D 77 -45.08 26.39 -18.51
N GLU D 78 -44.21 26.51 -19.52
CA GLU D 78 -43.83 25.39 -20.38
C GLU D 78 -42.41 24.98 -20.02
N TYR D 79 -42.25 23.81 -19.41
CA TYR D 79 -40.96 23.24 -19.07
C TYR D 79 -40.65 22.09 -20.02
N ALA D 80 -39.42 22.08 -20.55
CA ALA D 80 -39.00 21.05 -21.47
C ALA D 80 -37.51 20.79 -21.31
N CYS D 81 -37.10 19.58 -21.66
CA CYS D 81 -35.70 19.18 -21.58
C CYS D 81 -35.06 19.18 -22.96
N ARG D 82 -33.85 19.72 -23.04
CA ARG D 82 -33.09 19.78 -24.29
C ARG D 82 -31.83 18.94 -24.14
N VAL D 83 -31.58 18.08 -25.12
CA VAL D 83 -30.46 17.15 -25.08
C VAL D 83 -29.68 17.26 -26.39
N ASN D 84 -28.38 17.50 -26.28
CA ASN D 84 -27.48 17.52 -27.42
C ASN D 84 -26.57 16.31 -27.36
N HIS D 85 -26.39 15.64 -28.50
CA HIS D 85 -25.58 14.42 -28.55
C HIS D 85 -24.96 14.30 -29.93
N VAL D 86 -23.87 13.53 -30.00
CA VAL D 86 -23.21 13.28 -31.27
C VAL D 86 -24.11 12.48 -32.20
N THR D 87 -24.95 11.60 -31.65
CA THR D 87 -25.88 10.80 -32.44
C THR D 87 -27.17 11.53 -32.75
N LEU D 88 -27.18 12.87 -32.68
CA LEU D 88 -28.35 13.67 -33.00
C LEU D 88 -27.95 14.74 -34.00
N SER D 89 -28.65 14.78 -35.14
CA SER D 89 -28.36 15.79 -36.15
C SER D 89 -28.65 17.20 -35.64
N GLN D 90 -29.67 17.34 -34.79
CA GLN D 90 -30.02 18.60 -34.17
C GLN D 90 -30.47 18.32 -32.74
N PRO D 91 -30.30 19.29 -31.84
CA PRO D 91 -30.64 19.06 -30.42
C PRO D 91 -32.11 18.68 -30.26
N LYS D 92 -32.34 17.46 -29.79
CA LYS D 92 -33.69 17.00 -29.53
C LYS D 92 -34.28 17.70 -28.31
N ILE D 93 -35.54 18.12 -28.43
CA ILE D 93 -36.24 18.79 -27.34
C ILE D 93 -37.49 17.97 -27.03
N VAL D 94 -37.62 17.52 -25.79
CA VAL D 94 -38.75 16.73 -25.33
C VAL D 94 -39.55 17.57 -24.34
N LYS D 95 -40.78 17.90 -24.71
CA LYS D 95 -41.62 18.71 -23.83
C LYS D 95 -42.29 17.82 -22.77
N TRP D 96 -42.74 18.47 -21.71
CA TRP D 96 -43.22 17.78 -20.51
C TRP D 96 -44.74 17.81 -20.50
N ASP D 97 -45.34 16.69 -20.90
CA ASP D 97 -46.76 16.47 -20.67
C ASP D 97 -46.93 16.18 -19.18
N ARG D 98 -47.61 17.06 -18.44
CA ARG D 98 -47.52 16.96 -16.98
C ARG D 98 -48.15 15.68 -16.46
N ASP D 99 -49.17 15.16 -17.12
CA ASP D 99 -49.74 13.86 -16.79
C ASP D 99 -49.30 12.77 -17.75
N MET D 100 -48.04 12.85 -18.19
CA MET D 100 -47.44 11.82 -19.03
C MET D 100 -47.08 10.58 -18.20
N ARG E 1 -15.81 -0.92 -0.54
CA ARG E 1 -14.37 -0.72 -0.69
C ARG E 1 -13.98 -0.86 -2.15
N TYR E 2 -13.19 0.10 -2.64
CA TYR E 2 -12.71 0.03 -4.01
C TYR E 2 -11.76 -1.16 -4.15
N PRO E 3 -11.74 -1.81 -5.30
CA PRO E 3 -10.87 -2.97 -5.48
C PRO E 3 -9.52 -2.60 -6.09
N LEU E 4 -8.63 -3.59 -6.14
CA LEU E 4 -7.29 -3.40 -6.67
C LEU E 4 -7.32 -3.45 -8.20
N THR E 5 -6.65 -2.49 -8.82
CA THR E 5 -6.72 -2.27 -10.26
C THR E 5 -5.40 -2.68 -10.91
N PHE E 6 -5.49 -3.30 -12.08
CA PHE E 6 -4.33 -3.80 -12.79
C PHE E 6 -4.30 -3.23 -14.20
N GLY E 7 -3.15 -3.41 -14.86
CA GLY E 7 -2.96 -2.91 -16.21
C GLY E 7 -2.99 -3.99 -17.27
N TRP E 8 -3.16 -3.59 -18.52
CA TRP E 8 -3.22 -4.55 -19.62
C TRP E 8 -1.84 -4.80 -20.23
#